data_7ZV3
#
_entry.id   7ZV3
#
_cell.length_a   86.650
_cell.length_b   97.419
_cell.length_c   131.996
_cell.angle_alpha   90.000
_cell.angle_beta   90.000
_cell.angle_gamma   90.000
#
_symmetry.space_group_name_H-M   'P 21 21 21'
#
loop_
_entity.id
_entity.type
_entity.pdbx_description
1 polymer 'Indoleamine 2,3-dioxygenase 1'
2 non-polymer 'PROTOPORPHYRIN IX CONTAINING FE'
3 non-polymer 4-(3-chloro-2-phenethylphenyl)-1H-1,2,3-triazole
4 non-polymer GLYCEROL
5 non-polymer 'SULFATE ION'
6 water water
#
_entity_poly.entity_id   1
_entity_poly.type   'polypeptide(L)'
_entity_poly.pdbx_seq_one_letter_code
;MGSSHHHHHHSSGLVPRGSHMASAMENSWTISKEYHIDEEVGFALPNPQENLPDFYNDWMFIAKHLPDLIESGQLRERVE
KLNMLSIDHLTDHKSQRLARLVLGCITMAYVWGKGHGDVRKVLPRNIAVPYCQLSKKLELPPILVYADCVLANWKKKDPN
KPLTYENMDVLFSFRDGDCSKGFFLVSLLVEIAAASAIKVIPTVFKAMQMQERDTLLKALLEIASCLEKALQVFHQIHDH
VNPKAFFSVLRIYLSGWKGNPQLSDGLVYEGFWEDPKEFAGGSAGQSSVFQCFDVLLGIQQTAGGGHAAQFLQDMRRYMP
PAHRNFLCSLESNPSVREFVLSKGDAGLREAYDACVKALVSLRSYHLQIVTKYILIPASQQPKENKTSEDPSKLEAKGTG
GTDLMNFLKTVRSTTEKSLLKEG
;
_entity_poly.pdbx_strand_id   A,B
#
loop_
_chem_comp.id
_chem_comp.type
_chem_comp.name
_chem_comp.formula
GOL non-polymer GLYCEROL 'C3 H8 O3'
HEM non-polymer 'PROTOPORPHYRIN IX CONTAINING FE' 'C34 H32 Fe N4 O4'
RCT non-polymer 4-(3-chloro-2-phenethylphenyl)-1H-1,2,3-triazole 'C16 H14 Cl N3'
SO4 non-polymer 'SULFATE ION' 'O4 S -2'
#
# COMPACT_ATOMS: atom_id res chain seq x y z
N ILE A 31 -17.12 11.86 1.47
CA ILE A 31 -17.81 13.10 1.84
C ILE A 31 -16.89 14.31 1.94
N SER A 32 -15.59 14.15 2.15
CA SER A 32 -14.72 15.27 2.50
C SER A 32 -14.31 16.15 1.32
N LYS A 33 -14.76 15.86 0.10
CA LYS A 33 -14.51 16.71 -1.09
C LYS A 33 -13.03 16.81 -1.47
N GLU A 34 -12.10 16.57 -0.54
CA GLU A 34 -10.72 16.31 -0.89
C GLU A 34 -10.50 14.86 -1.36
N TYR A 35 -11.47 13.97 -1.15
CA TYR A 35 -11.44 12.62 -1.70
C TYR A 35 -11.94 12.55 -3.14
N HIS A 36 -12.37 13.66 -3.73
CA HIS A 36 -12.68 13.71 -5.16
C HIS A 36 -13.77 12.71 -5.52
N ILE A 37 -14.81 12.63 -4.70
CA ILE A 37 -15.96 11.77 -4.94
C ILE A 37 -17.16 12.66 -5.16
N ASP A 38 -17.77 12.50 -6.31
CA ASP A 38 -18.91 13.32 -6.70
C ASP A 38 -20.20 12.63 -6.27
N GLU A 39 -21.19 13.46 -5.89
CA GLU A 39 -22.41 12.91 -5.30
C GLU A 39 -23.18 12.09 -6.33
N GLU A 40 -23.19 12.54 -7.58
CA GLU A 40 -23.97 11.87 -8.62
C GLU A 40 -23.20 10.76 -9.31
N VAL A 41 -21.88 10.96 -9.48
CA VAL A 41 -21.08 10.15 -10.38
C VAL A 41 -19.98 9.37 -9.67
N GLY A 42 -19.75 9.61 -8.39
CA GLY A 42 -18.95 8.70 -7.61
C GLY A 42 -17.47 8.88 -7.84
N PHE A 43 -16.79 7.80 -8.20
CA PHE A 43 -15.36 7.88 -8.46
C PHE A 43 -15.07 8.41 -9.85
N ALA A 44 -16.05 8.36 -10.75
CA ALA A 44 -15.85 8.89 -12.09
C ALA A 44 -15.57 10.38 -12.02
N LEU A 45 -14.89 10.88 -13.03
CA LEU A 45 -14.66 12.30 -13.16
C LEU A 45 -15.93 12.95 -13.69
N PRO A 46 -16.54 13.87 -12.96
CA PRO A 46 -17.78 14.48 -13.46
C PRO A 46 -17.47 15.43 -14.61
N ASN A 47 -18.30 15.34 -15.67
CA ASN A 47 -18.19 16.10 -16.91
C ASN A 47 -16.75 16.25 -17.37
N PRO A 48 -16.14 15.19 -17.87
CA PRO A 48 -14.75 15.27 -18.33
C PRO A 48 -14.60 16.25 -19.48
N GLN A 49 -13.41 16.84 -19.56
CA GLN A 49 -13.08 17.74 -20.63
C GLN A 49 -12.90 16.95 -21.92
N GLU A 50 -13.39 17.49 -23.03
CA GLU A 50 -13.20 16.85 -24.32
C GLU A 50 -12.08 17.44 -25.17
N ASN A 51 -11.70 18.70 -24.97
CA ASN A 51 -10.72 19.37 -25.82
C ASN A 51 -9.57 19.92 -24.97
N LEU A 52 -8.36 19.71 -25.44
CA LEU A 52 -7.19 20.35 -24.86
C LEU A 52 -6.96 21.68 -25.55
N PRO A 53 -6.15 22.58 -24.96
CA PRO A 53 -5.80 23.82 -25.67
C PRO A 53 -5.18 23.53 -27.03
N ASP A 54 -5.49 24.41 -28.01
CA ASP A 54 -4.94 24.34 -29.37
C ASP A 54 -3.46 24.01 -29.39
N PHE A 55 -2.74 24.43 -28.35
CA PHE A 55 -1.32 24.12 -28.25
C PHE A 55 -1.04 22.63 -28.36
N TYR A 56 -2.03 21.79 -28.06
CA TYR A 56 -1.85 20.34 -28.04
C TYR A 56 -2.54 19.62 -29.21
N ASN A 57 -3.06 20.36 -30.20
CA ASN A 57 -3.67 19.79 -31.41
C ASN A 57 -2.94 18.57 -31.99
N ASP A 58 -1.62 18.50 -31.88
CA ASP A 58 -0.90 17.38 -32.49
C ASP A 58 -1.11 16.10 -31.70
N TRP A 59 -1.11 16.21 -30.36
CA TRP A 59 -1.57 15.12 -29.52
C TRP A 59 -2.98 14.71 -29.89
N MET A 60 -3.88 15.69 -29.93
CA MET A 60 -5.30 15.39 -30.06
C MET A 60 -5.62 14.77 -31.41
N PHE A 61 -4.93 15.18 -32.48
CA PHE A 61 -5.20 14.59 -33.78
C PHE A 61 -4.91 13.09 -33.76
N ILE A 62 -3.77 12.71 -33.19
CA ILE A 62 -3.41 11.30 -33.18
C ILE A 62 -4.41 10.50 -32.35
N ALA A 63 -4.90 11.07 -31.24
CA ALA A 63 -5.75 10.29 -30.35
C ALA A 63 -7.14 10.10 -30.94
N LYS A 64 -7.67 11.15 -31.59
CA LYS A 64 -8.97 11.07 -32.24
C LYS A 64 -8.97 10.13 -33.43
N HIS A 65 -7.81 9.77 -33.96
CA HIS A 65 -7.76 9.03 -35.20
C HIS A 65 -6.93 7.77 -35.05
N LEU A 66 -6.87 7.23 -33.85
CA LEU A 66 -6.18 5.97 -33.65
C LEU A 66 -6.69 4.87 -34.58
N PRO A 67 -8.01 4.63 -34.70
CA PRO A 67 -8.45 3.62 -35.67
C PRO A 67 -7.90 3.89 -37.07
N ASP A 68 -8.10 5.10 -37.58
CA ASP A 68 -7.63 5.41 -38.93
C ASP A 68 -6.11 5.28 -39.04
N LEU A 69 -5.37 5.78 -38.05
CA LEU A 69 -3.92 5.81 -38.16
C LEU A 69 -3.30 4.42 -37.97
N ILE A 70 -3.85 3.59 -37.10
CA ILE A 70 -3.34 2.24 -36.96
C ILE A 70 -3.63 1.44 -38.23
N GLU A 71 -4.88 1.48 -38.67
CA GLU A 71 -5.30 0.67 -39.82
C GLU A 71 -4.47 0.99 -41.07
N SER A 72 -3.93 2.21 -41.17
CA SER A 72 -3.15 2.61 -42.33
C SER A 72 -1.64 2.65 -42.05
N GLY A 73 -1.17 1.99 -40.99
CA GLY A 73 0.25 1.92 -40.69
C GLY A 73 0.96 3.24 -40.54
N GLN A 74 0.23 4.32 -40.24
CA GLN A 74 0.78 5.66 -40.14
C GLN A 74 0.95 6.14 -38.71
N LEU A 75 0.43 5.38 -37.74
CA LEU A 75 0.39 5.86 -36.36
C LEU A 75 1.79 6.07 -35.80
N ARG A 76 2.66 5.07 -35.96
CA ARG A 76 3.98 5.17 -35.36
C ARG A 76 4.74 6.35 -35.95
N GLU A 77 4.63 6.55 -37.25
CA GLU A 77 5.37 7.63 -37.89
C GLU A 77 4.93 8.99 -37.35
N ARG A 78 3.62 9.17 -37.12
CA ARG A 78 3.14 10.46 -36.61
C ARG A 78 3.53 10.69 -35.16
N VAL A 79 3.62 9.62 -34.37
CA VAL A 79 4.15 9.77 -33.02
C VAL A 79 5.62 10.15 -33.07
N GLU A 80 6.39 9.49 -33.95
CA GLU A 80 7.82 9.74 -34.09
C GLU A 80 8.09 11.13 -34.67
N LYS A 81 7.15 11.70 -35.41
CA LYS A 81 7.30 13.03 -35.98
C LYS A 81 6.83 14.14 -35.03
N LEU A 82 6.49 13.80 -33.78
CA LEU A 82 5.94 14.76 -32.83
C LEU A 82 7.04 15.61 -32.20
N ASN A 83 6.75 16.90 -32.04
CA ASN A 83 7.60 17.78 -31.22
C ASN A 83 7.29 17.60 -29.74
N MET A 84 8.33 17.49 -28.92
CA MET A 84 8.16 17.45 -27.48
C MET A 84 7.45 18.70 -26.96
N LEU A 85 6.22 18.57 -26.47
CA LEU A 85 5.43 19.70 -25.99
C LEU A 85 5.43 19.75 -24.47
N SER A 86 5.50 20.97 -23.93
CA SER A 86 5.47 21.17 -22.50
C SER A 86 4.10 20.84 -21.93
N ILE A 87 4.08 20.22 -20.75
CA ILE A 87 2.81 20.00 -20.06
C ILE A 87 2.34 21.24 -19.33
N ASP A 88 3.17 22.29 -19.29
CA ASP A 88 2.89 23.46 -18.43
C ASP A 88 1.59 24.17 -18.78
N HIS A 89 1.11 24.02 -20.00
CA HIS A 89 -0.14 24.69 -20.37
C HIS A 89 -1.37 23.87 -19.99
N LEU A 90 -1.18 22.71 -19.36
CA LEU A 90 -2.29 21.93 -18.79
C LEU A 90 -2.47 22.41 -17.35
N THR A 91 -3.45 23.30 -17.16
CA THR A 91 -3.58 24.09 -15.94
C THR A 91 -4.51 23.44 -14.91
N ASP A 92 -5.79 23.25 -15.24
CA ASP A 92 -6.73 22.67 -14.29
C ASP A 92 -6.73 21.14 -14.33
N HIS A 93 -7.27 20.54 -13.25
CA HIS A 93 -7.20 19.09 -13.09
C HIS A 93 -7.87 18.35 -14.25
N LYS A 94 -9.04 18.82 -14.67
CA LYS A 94 -9.75 18.14 -15.74
C LYS A 94 -8.92 18.05 -17.02
N SER A 95 -8.17 19.12 -17.34
CA SER A 95 -7.40 19.09 -18.58
C SER A 95 -6.18 18.19 -18.47
N GLN A 96 -5.62 18.02 -17.26
CA GLN A 96 -4.51 17.09 -17.12
C GLN A 96 -4.99 15.65 -17.26
N ARG A 97 -6.19 15.36 -16.74
CA ARG A 97 -6.80 14.03 -16.91
C ARG A 97 -7.06 13.73 -18.39
N LEU A 98 -7.58 14.70 -19.14
CA LEU A 98 -7.78 14.46 -20.57
C LEU A 98 -6.47 14.15 -21.25
N ALA A 99 -5.43 14.94 -20.92
CA ALA A 99 -4.13 14.74 -21.56
C ALA A 99 -3.52 13.40 -21.18
N ARG A 100 -3.73 12.95 -19.93
CA ARG A 100 -3.30 11.60 -19.55
C ARG A 100 -4.01 10.54 -20.39
N LEU A 101 -5.32 10.72 -20.60
CA LEU A 101 -6.09 9.81 -21.43
C LEU A 101 -5.59 9.83 -22.86
N VAL A 102 -5.36 11.04 -23.40
CA VAL A 102 -4.83 11.17 -24.75
C VAL A 102 -3.47 10.50 -24.87
N LEU A 103 -2.55 10.85 -23.96
CA LEU A 103 -1.21 10.26 -24.03
C LEU A 103 -1.21 8.77 -23.69
N GLY A 104 -2.17 8.30 -22.86
CA GLY A 104 -2.25 6.89 -22.58
C GLY A 104 -2.75 6.09 -23.77
N CYS A 105 -3.78 6.59 -24.44
CA CYS A 105 -4.27 5.90 -25.63
C CYS A 105 -3.19 5.85 -26.72
N ILE A 106 -2.56 6.99 -27.03
CA ILE A 106 -1.48 7.02 -28.01
C ILE A 106 -0.37 6.03 -27.63
N THR A 107 0.02 6.01 -26.36
CA THR A 107 1.11 5.13 -25.95
C THR A 107 0.76 3.66 -26.18
N MET A 108 -0.49 3.25 -25.89
CA MET A 108 -0.89 1.86 -26.14
C MET A 108 -0.84 1.55 -27.64
N ALA A 109 -1.32 2.48 -28.46
CA ALA A 109 -1.32 2.28 -29.91
C ALA A 109 0.11 2.13 -30.42
N TYR A 110 1.03 2.96 -29.93
CA TYR A 110 2.43 2.87 -30.34
C TYR A 110 3.03 1.53 -29.96
N VAL A 111 2.91 1.14 -28.68
CA VAL A 111 3.52 -0.10 -28.21
C VAL A 111 2.95 -1.31 -28.95
N TRP A 112 1.61 -1.40 -29.07
CA TRP A 112 1.01 -2.61 -29.62
C TRP A 112 0.83 -2.58 -31.14
N GLY A 113 0.73 -1.40 -31.74
CA GLY A 113 0.61 -1.34 -33.19
C GLY A 113 -0.73 -1.83 -33.70
N LYS A 114 -0.67 -2.67 -34.74
CA LYS A 114 -1.87 -3.19 -35.39
C LYS A 114 -2.56 -4.28 -34.59
N GLY A 115 -1.89 -4.84 -33.59
CA GLY A 115 -2.49 -5.77 -32.67
C GLY A 115 -2.08 -7.22 -32.78
N HIS A 116 -0.94 -7.52 -33.41
CA HIS A 116 -0.56 -8.89 -33.72
C HIS A 116 0.93 -9.10 -33.53
N GLY A 117 1.52 -8.50 -32.51
CA GLY A 117 2.86 -8.85 -32.11
C GLY A 117 3.97 -7.92 -32.61
N ASP A 118 3.71 -7.06 -33.58
CA ASP A 118 4.76 -6.12 -33.95
C ASP A 118 4.80 -5.02 -32.87
N VAL A 119 5.76 -5.13 -31.96
CA VAL A 119 5.79 -4.31 -30.77
C VAL A 119 6.95 -3.33 -30.86
N ARG A 120 6.80 -2.20 -30.19
CA ARG A 120 7.90 -1.29 -29.93
C ARG A 120 8.21 -1.33 -28.44
N LYS A 121 9.50 -1.38 -28.10
CA LYS A 121 9.92 -1.45 -26.71
C LYS A 121 10.49 -0.15 -26.21
N VAL A 122 10.54 0.88 -27.05
CA VAL A 122 11.02 2.20 -26.67
C VAL A 122 9.93 3.21 -27.01
N LEU A 123 9.53 4.00 -26.03
CA LEU A 123 8.56 5.05 -26.26
C LEU A 123 9.32 6.33 -26.59
N PRO A 124 9.09 6.94 -27.75
CA PRO A 124 9.92 8.08 -28.18
C PRO A 124 9.88 9.24 -27.20
N ARG A 125 11.04 9.85 -26.97
CA ARG A 125 11.18 10.84 -25.92
C ARG A 125 10.18 11.98 -26.03
N ASN A 126 9.69 12.29 -27.24
CA ASN A 126 8.85 13.46 -27.37
C ASN A 126 7.44 13.24 -26.85
N ILE A 127 7.02 11.99 -26.71
CA ILE A 127 5.82 11.64 -25.97
C ILE A 127 6.15 11.12 -24.57
N ALA A 128 7.20 10.31 -24.43
CA ALA A 128 7.54 9.71 -23.14
C ALA A 128 7.82 10.75 -22.06
N VAL A 129 8.33 11.92 -22.43
CA VAL A 129 8.74 12.88 -21.40
C VAL A 129 7.50 13.62 -20.88
N PRO A 130 6.70 14.25 -21.74
CA PRO A 130 5.47 14.89 -21.20
C PRO A 130 4.53 13.90 -20.51
N TYR A 131 4.43 12.67 -21.04
CA TYR A 131 3.57 11.68 -20.42
C TYR A 131 4.01 11.45 -18.99
N CYS A 132 5.33 11.26 -18.79
CA CYS A 132 5.87 10.97 -17.47
C CYS A 132 5.84 12.20 -16.55
N GLN A 133 5.99 13.40 -17.10
CA GLN A 133 5.87 14.59 -16.28
C GLN A 133 4.46 14.73 -15.75
N LEU A 134 3.47 14.47 -16.62
CA LEU A 134 2.07 14.57 -16.21
C LEU A 134 1.70 13.42 -15.28
N SER A 135 2.21 12.21 -15.56
CA SER A 135 1.97 11.08 -14.68
C SER A 135 2.46 11.36 -13.27
N LYS A 136 3.71 11.86 -13.15
CA LYS A 136 4.23 12.14 -11.81
C LYS A 136 3.46 13.28 -11.15
N LYS A 137 3.10 14.30 -11.92
CA LYS A 137 2.30 15.39 -11.38
C LYS A 137 0.96 14.92 -10.81
N LEU A 138 0.40 13.82 -11.33
CA LEU A 138 -0.91 13.33 -10.89
C LEU A 138 -0.83 12.06 -10.06
N GLU A 139 0.38 11.58 -9.77
CA GLU A 139 0.61 10.41 -8.91
C GLU A 139 0.00 9.14 -9.49
N LEU A 140 0.02 9.03 -10.82
CA LEU A 140 -0.35 7.80 -11.50
C LEU A 140 0.83 7.27 -12.31
N PRO A 141 0.94 5.95 -12.48
CA PRO A 141 2.03 5.42 -13.30
C PRO A 141 1.81 5.76 -14.76
N PRO A 142 2.88 5.88 -15.56
CA PRO A 142 2.73 6.23 -16.99
C PRO A 142 2.31 5.03 -17.84
N ILE A 143 1.13 4.51 -17.56
CA ILE A 143 0.45 3.54 -18.42
C ILE A 143 -1.03 3.89 -18.40
N LEU A 144 -1.77 3.36 -19.38
CA LEU A 144 -3.20 3.62 -19.42
C LEU A 144 -3.85 2.84 -18.27
N VAL A 145 -4.75 3.50 -17.57
CA VAL A 145 -5.25 3.03 -16.30
C VAL A 145 -6.77 3.22 -16.29
N TYR A 146 -7.45 2.43 -15.44
CA TYR A 146 -8.91 2.44 -15.40
C TYR A 146 -9.47 3.85 -15.20
N ALA A 147 -8.82 4.64 -14.34
CA ALA A 147 -9.25 6.02 -14.13
C ALA A 147 -9.09 6.88 -15.38
N ASP A 148 -8.25 6.46 -16.35
CA ASP A 148 -8.21 7.12 -17.65
C ASP A 148 -9.35 6.64 -18.54
N CYS A 149 -9.34 5.35 -18.91
CA CYS A 149 -10.15 4.90 -20.04
C CYS A 149 -11.60 4.60 -19.65
N VAL A 150 -11.96 4.72 -18.38
CA VAL A 150 -13.34 4.61 -17.97
C VAL A 150 -13.74 5.91 -17.29
N LEU A 151 -13.05 6.27 -16.20
CA LEU A 151 -13.55 7.33 -15.34
C LEU A 151 -13.47 8.69 -16.01
N ALA A 152 -12.57 8.88 -16.97
CA ALA A 152 -12.41 10.17 -17.66
C ALA A 152 -12.71 10.08 -19.16
N ASN A 153 -13.21 8.95 -19.62
CA ASN A 153 -13.34 8.71 -21.05
C ASN A 153 -14.80 8.75 -21.50
N TRP A 154 -15.54 9.81 -21.17
CA TRP A 154 -16.98 9.76 -21.42
C TRP A 154 -17.53 11.17 -21.57
N LYS A 155 -18.66 11.27 -22.28
CA LYS A 155 -19.43 12.50 -22.44
C LYS A 155 -20.91 12.16 -22.49
N LYS A 156 -21.74 13.18 -22.22
CA LYS A 156 -23.17 13.10 -22.48
C LYS A 156 -23.41 13.60 -23.90
N LYS A 157 -24.18 12.83 -24.68
CA LYS A 157 -24.63 13.31 -25.99
C LYS A 157 -25.41 14.61 -25.83
N ASP A 158 -26.47 14.56 -25.04
CA ASP A 158 -27.36 15.67 -24.77
C ASP A 158 -27.20 16.08 -23.31
N PRO A 159 -26.62 17.25 -23.03
CA PRO A 159 -26.35 17.62 -21.63
C PRO A 159 -27.58 17.65 -20.75
N ASN A 160 -28.77 17.79 -21.32
CA ASN A 160 -29.97 17.96 -20.53
C ASN A 160 -30.76 16.67 -20.39
N LYS A 161 -30.11 15.53 -20.53
CA LYS A 161 -30.76 14.24 -20.42
C LYS A 161 -29.94 13.34 -19.50
N PRO A 162 -30.51 12.23 -19.03
CA PRO A 162 -29.89 11.49 -17.93
C PRO A 162 -28.67 10.70 -18.38
N LEU A 163 -27.94 10.20 -17.37
CA LEU A 163 -26.76 9.35 -17.55
C LEU A 163 -27.21 7.95 -17.94
N THR A 164 -27.58 7.83 -19.21
CA THR A 164 -28.05 6.58 -19.79
C THR A 164 -27.17 6.23 -20.98
N TYR A 165 -26.98 4.93 -21.21
CA TYR A 165 -26.11 4.50 -22.30
C TYR A 165 -26.45 5.21 -23.60
N GLU A 166 -27.74 5.32 -23.89
CA GLU A 166 -28.19 5.91 -25.14
C GLU A 166 -27.78 7.37 -25.25
N ASN A 167 -27.54 8.04 -24.12
CA ASN A 167 -27.19 9.46 -24.12
C ASN A 167 -25.71 9.68 -23.87
N MET A 168 -24.88 8.64 -23.98
CA MET A 168 -23.47 8.77 -23.64
C MET A 168 -22.58 8.22 -24.75
N ASP A 169 -21.36 8.75 -24.82
CA ASP A 169 -20.32 8.25 -25.71
C ASP A 169 -18.99 8.26 -24.96
N VAL A 170 -18.05 7.41 -25.39
CA VAL A 170 -16.67 7.54 -24.90
C VAL A 170 -15.98 8.59 -25.74
N LEU A 171 -14.78 9.01 -25.34
CA LEU A 171 -14.01 9.98 -26.09
C LEU A 171 -13.01 9.33 -27.01
N PHE A 172 -12.47 8.16 -26.67
CA PHE A 172 -11.40 7.55 -27.44
C PHE A 172 -11.57 6.05 -27.56
N SER A 173 -11.19 5.53 -28.72
CA SER A 173 -11.20 4.10 -29.01
C SER A 173 -9.89 3.74 -29.70
N PHE A 174 -9.61 2.45 -29.77
CA PHE A 174 -8.41 1.98 -30.43
C PHE A 174 -8.64 1.52 -31.86
N ARG A 175 -9.67 0.70 -32.10
CA ARG A 175 -9.95 0.21 -33.43
C ARG A 175 -11.44 0.23 -33.68
N ASP A 176 -11.83 0.44 -34.93
CA ASP A 176 -13.22 0.27 -35.28
C ASP A 176 -13.68 -1.14 -34.94
N GLY A 177 -14.88 -1.24 -34.36
CA GLY A 177 -15.35 -2.53 -33.87
C GLY A 177 -14.60 -3.14 -32.69
N ASP A 178 -13.80 -2.35 -31.96
CA ASP A 178 -13.14 -2.90 -30.78
C ASP A 178 -14.06 -2.94 -29.55
N CYS A 179 -15.30 -2.50 -29.70
CA CYS A 179 -16.32 -2.53 -28.65
C CYS A 179 -15.90 -1.72 -27.43
N SER A 180 -14.97 -0.78 -27.58
CA SER A 180 -14.54 0.00 -26.43
C SER A 180 -15.66 0.87 -25.89
N LYS A 181 -16.57 1.34 -26.75
CA LYS A 181 -17.70 2.13 -26.25
C LYS A 181 -18.53 1.30 -25.27
N GLY A 182 -18.82 0.05 -25.63
CA GLY A 182 -19.61 -0.78 -24.75
C GLY A 182 -18.87 -1.21 -23.50
N PHE A 183 -17.62 -1.60 -23.64
CA PHE A 183 -16.86 -2.01 -22.48
C PHE A 183 -16.64 -0.84 -21.52
N PHE A 184 -16.20 0.32 -22.03
CA PHE A 184 -15.95 1.44 -21.14
C PHE A 184 -17.24 1.99 -20.54
N LEU A 185 -18.30 2.14 -21.37
CA LEU A 185 -19.52 2.77 -20.83
C LEU A 185 -20.32 1.83 -19.91
N VAL A 186 -20.34 0.53 -20.16
CA VAL A 186 -20.99 -0.35 -19.19
C VAL A 186 -20.22 -0.29 -17.88
N SER A 187 -18.90 -0.44 -17.94
CA SER A 187 -18.07 -0.31 -16.74
C SER A 187 -18.36 1.00 -16.00
N LEU A 188 -18.49 2.09 -16.76
CA LEU A 188 -18.78 3.38 -16.14
C LEU A 188 -20.17 3.44 -15.53
N LEU A 189 -21.18 2.87 -16.21
CA LEU A 189 -22.54 2.91 -15.68
C LEU A 189 -22.70 2.04 -14.44
N VAL A 190 -21.95 0.93 -14.36
CA VAL A 190 -21.89 0.16 -13.13
C VAL A 190 -21.26 0.99 -12.03
N GLU A 191 -20.23 1.77 -12.37
CA GLU A 191 -19.52 2.60 -11.41
C GLU A 191 -20.41 3.72 -10.88
N ILE A 192 -21.18 4.36 -11.77
CA ILE A 192 -22.13 5.37 -11.36
C ILE A 192 -23.26 4.77 -10.53
N ALA A 193 -23.74 3.58 -10.92
CA ALA A 193 -24.77 2.95 -10.12
C ALA A 193 -24.29 2.79 -8.69
N ALA A 194 -23.06 2.29 -8.53
CA ALA A 194 -22.45 2.11 -7.22
C ALA A 194 -22.15 3.44 -6.53
N ALA A 195 -22.37 4.56 -7.21
CA ALA A 195 -22.14 5.84 -6.57
C ALA A 195 -23.19 6.13 -5.52
N SER A 196 -24.45 5.78 -5.80
CA SER A 196 -25.53 6.12 -4.88
C SER A 196 -25.36 5.45 -3.52
N ALA A 197 -24.57 4.36 -3.44
CA ALA A 197 -24.26 3.77 -2.15
C ALA A 197 -23.10 4.47 -1.46
N ILE A 198 -22.19 5.07 -2.22
CA ILE A 198 -20.99 5.64 -1.60
C ILE A 198 -21.36 6.83 -0.73
N LYS A 199 -22.31 7.66 -1.20
CA LYS A 199 -22.72 8.82 -0.42
C LYS A 199 -23.42 8.44 0.88
N VAL A 200 -23.80 7.17 1.05
CA VAL A 200 -24.42 6.70 2.28
C VAL A 200 -23.37 6.37 3.33
N ILE A 201 -22.10 6.24 2.91
CA ILE A 201 -21.07 5.72 3.81
C ILE A 201 -20.89 6.56 5.06
N PRO A 202 -20.93 7.90 5.03
CA PRO A 202 -20.74 8.63 6.31
C PRO A 202 -21.88 8.38 7.29
N THR A 203 -23.11 8.28 6.79
CA THR A 203 -24.24 7.89 7.63
C THR A 203 -23.95 6.62 8.43
N VAL A 204 -23.35 5.61 7.79
CA VAL A 204 -22.99 4.38 8.51
C VAL A 204 -22.04 4.68 9.65
N PHE A 205 -20.99 5.48 9.41
CA PHE A 205 -20.00 5.61 10.47
C PHE A 205 -20.47 6.51 11.60
N LYS A 206 -21.29 7.52 11.32
CA LYS A 206 -21.77 8.34 12.41
C LYS A 206 -22.89 7.64 13.16
N ALA A 207 -23.64 6.76 12.49
CA ALA A 207 -24.69 6.02 13.21
C ALA A 207 -24.09 5.03 14.20
N MET A 208 -23.01 4.35 13.82
CA MET A 208 -22.32 3.52 14.82
C MET A 208 -21.81 4.38 15.95
N GLN A 209 -21.33 5.59 15.65
CA GLN A 209 -20.76 6.44 16.67
C GLN A 209 -21.86 6.96 17.61
N MET A 210 -22.88 7.60 17.04
CA MET A 210 -24.03 8.14 17.79
C MET A 210 -24.95 7.05 18.34
N GLN A 211 -24.62 5.77 18.18
CA GLN A 211 -25.43 4.66 18.66
C GLN A 211 -26.89 4.82 18.21
N GLU A 212 -27.07 4.89 16.89
CA GLU A 212 -28.36 5.12 16.23
C GLU A 212 -28.71 3.90 15.40
N ARG A 213 -29.38 2.92 16.03
CA ARG A 213 -29.60 1.64 15.38
C ARG A 213 -30.49 1.79 14.15
N ASP A 214 -31.59 2.54 14.25
CA ASP A 214 -32.51 2.63 13.13
C ASP A 214 -31.85 3.28 11.92
N THR A 215 -31.09 4.36 12.15
CA THR A 215 -30.40 5.00 11.03
C THR A 215 -29.40 4.05 10.37
N LEU A 216 -28.63 3.31 11.17
CA LEU A 216 -27.69 2.36 10.61
C LEU A 216 -28.39 1.29 9.78
N LEU A 217 -29.56 0.83 10.21
CA LEU A 217 -30.27 -0.23 9.50
C LEU A 217 -30.77 0.28 8.14
N LYS A 218 -31.31 1.51 8.11
CA LYS A 218 -31.72 2.12 6.87
C LYS A 218 -30.54 2.31 5.92
N ALA A 219 -29.39 2.75 6.44
CA ALA A 219 -28.23 2.96 5.58
C ALA A 219 -27.75 1.65 4.96
N LEU A 220 -27.63 0.58 5.77
CA LEU A 220 -27.18 -0.70 5.22
C LEU A 220 -28.13 -1.21 4.15
N LEU A 221 -29.44 -1.13 4.41
CA LEU A 221 -30.41 -1.54 3.41
C LEU A 221 -30.27 -0.72 2.14
N GLU A 222 -30.01 0.59 2.28
CA GLU A 222 -29.89 1.45 1.11
C GLU A 222 -28.66 1.07 0.29
N ILE A 223 -27.55 0.80 0.97
CA ILE A 223 -26.35 0.35 0.26
C ILE A 223 -26.64 -0.93 -0.51
N ALA A 224 -27.21 -1.93 0.16
CA ALA A 224 -27.48 -3.20 -0.51
C ALA A 224 -28.37 -2.99 -1.73
N SER A 225 -29.31 -2.06 -1.64
CA SER A 225 -30.21 -1.79 -2.76
C SER A 225 -29.44 -1.24 -3.96
N CYS A 226 -28.59 -0.22 -3.73
CA CYS A 226 -27.75 0.30 -4.80
C CYS A 226 -26.85 -0.80 -5.38
N LEU A 227 -26.29 -1.67 -4.52
CA LEU A 227 -25.42 -2.71 -5.05
C LEU A 227 -26.20 -3.72 -5.88
N GLU A 228 -27.48 -3.94 -5.58
CA GLU A 228 -28.26 -4.82 -6.44
C GLU A 228 -28.65 -4.15 -7.75
N LYS A 229 -28.87 -2.82 -7.74
CA LYS A 229 -29.13 -2.11 -8.98
C LYS A 229 -27.90 -2.06 -9.88
N ALA A 230 -26.71 -2.03 -9.29
CA ALA A 230 -25.48 -2.08 -10.07
C ALA A 230 -25.36 -3.38 -10.85
N LEU A 231 -25.88 -4.48 -10.30
CA LEU A 231 -25.83 -5.75 -11.00
C LEU A 231 -26.75 -5.74 -12.21
N GLN A 232 -27.89 -5.07 -12.11
CA GLN A 232 -28.78 -4.99 -13.27
C GLN A 232 -28.14 -4.21 -14.39
N VAL A 233 -27.47 -3.10 -14.05
CA VAL A 233 -26.73 -2.31 -15.03
C VAL A 233 -25.66 -3.16 -15.70
N PHE A 234 -25.02 -4.03 -14.92
CA PHE A 234 -24.01 -4.94 -15.46
C PHE A 234 -24.58 -5.79 -16.60
N HIS A 235 -25.89 -6.02 -16.63
CA HIS A 235 -26.45 -6.93 -17.63
C HIS A 235 -26.30 -6.37 -19.05
N GLN A 236 -26.28 -5.05 -19.20
CA GLN A 236 -26.18 -4.43 -20.52
C GLN A 236 -24.91 -4.80 -21.28
N ILE A 237 -23.94 -5.44 -20.62
CA ILE A 237 -22.69 -5.75 -21.32
C ILE A 237 -22.96 -6.64 -22.53
N HIS A 238 -23.92 -7.56 -22.43
CA HIS A 238 -24.19 -8.49 -23.52
C HIS A 238 -24.72 -7.80 -24.76
N ASP A 239 -25.34 -6.64 -24.61
CA ASP A 239 -25.92 -5.89 -25.71
C ASP A 239 -24.91 -5.07 -26.50
N HIS A 240 -23.77 -4.71 -25.91
CA HIS A 240 -22.85 -3.81 -26.58
C HIS A 240 -21.44 -4.33 -26.70
N VAL A 241 -21.14 -5.51 -26.18
CA VAL A 241 -19.77 -6.04 -26.23
C VAL A 241 -19.83 -7.45 -26.78
N ASN A 242 -19.24 -7.65 -27.92
CA ASN A 242 -19.10 -8.93 -28.59
C ASN A 242 -17.87 -9.68 -28.07
N PRO A 243 -17.97 -10.99 -27.82
CA PRO A 243 -16.84 -11.70 -27.20
C PRO A 243 -15.57 -11.72 -28.04
N LYS A 244 -15.70 -11.92 -29.36
CA LYS A 244 -14.51 -11.92 -30.21
C LYS A 244 -13.85 -10.55 -30.20
N ALA A 245 -14.65 -9.49 -30.35
CA ALA A 245 -14.14 -8.13 -30.35
C ALA A 245 -13.34 -7.86 -29.08
N PHE A 246 -13.93 -8.15 -27.91
CA PHE A 246 -13.19 -7.90 -26.67
C PHE A 246 -11.91 -8.72 -26.63
N PHE A 247 -12.01 -10.01 -26.94
CA PHE A 247 -10.90 -10.92 -26.60
C PHE A 247 -9.75 -10.78 -27.58
N SER A 248 -10.03 -10.59 -28.86
CA SER A 248 -8.92 -10.49 -29.81
C SER A 248 -8.45 -9.05 -30.05
N VAL A 249 -9.25 -8.03 -29.72
CA VAL A 249 -8.85 -6.65 -30.02
C VAL A 249 -8.68 -5.81 -28.76
N LEU A 250 -9.79 -5.45 -28.09
CA LEU A 250 -9.74 -4.55 -26.94
C LEU A 250 -8.75 -5.03 -25.89
N ARG A 251 -8.77 -6.34 -25.59
CA ARG A 251 -7.85 -6.89 -24.60
C ARG A 251 -6.40 -6.66 -25.00
N ILE A 252 -6.11 -6.67 -26.30
CA ILE A 252 -4.73 -6.51 -26.76
C ILE A 252 -4.21 -5.13 -26.39
N TYR A 253 -4.97 -4.08 -26.72
CA TYR A 253 -4.56 -2.71 -26.48
C TYR A 253 -4.58 -2.33 -25.00
N LEU A 254 -5.34 -3.05 -24.17
CA LEU A 254 -5.35 -2.75 -22.76
C LEU A 254 -4.22 -3.45 -22.01
N SER A 255 -3.46 -4.32 -22.66
CA SER A 255 -2.41 -5.08 -21.99
C SER A 255 -1.22 -4.20 -21.63
N GLY A 256 -0.60 -4.54 -20.50
CA GLY A 256 0.52 -3.80 -19.96
C GLY A 256 1.86 -4.44 -20.27
N TRP A 257 2.87 -4.02 -19.49
CA TRP A 257 4.24 -4.52 -19.61
C TRP A 257 4.80 -4.75 -18.19
N LYS A 258 4.28 -5.79 -17.52
CA LYS A 258 4.77 -6.24 -16.22
C LYS A 258 4.51 -7.73 -16.17
N GLY A 259 5.57 -8.53 -16.25
CA GLY A 259 5.41 -9.94 -16.49
C GLY A 259 4.89 -10.30 -17.85
N ASN A 260 4.88 -9.35 -18.79
CA ASN A 260 4.50 -9.63 -20.17
C ASN A 260 5.75 -10.06 -20.94
N PRO A 261 5.78 -11.29 -21.48
CA PRO A 261 6.97 -11.69 -22.26
C PRO A 261 7.24 -10.81 -23.48
N GLN A 262 6.21 -10.16 -24.05
CA GLN A 262 6.43 -9.37 -25.26
C GLN A 262 7.29 -8.14 -24.99
N LEU A 263 7.32 -7.67 -23.73
CA LEU A 263 8.25 -6.63 -23.26
C LEU A 263 8.79 -7.11 -21.90
N SER A 264 9.55 -8.20 -21.93
CA SER A 264 9.91 -8.93 -20.73
C SER A 264 10.65 -8.06 -19.71
N ASP A 265 11.28 -6.96 -20.15
CA ASP A 265 11.98 -6.06 -19.25
C ASP A 265 11.23 -4.75 -19.03
N GLY A 266 10.02 -4.63 -19.56
CA GLY A 266 9.26 -3.39 -19.48
C GLY A 266 9.45 -2.50 -20.69
N LEU A 267 9.36 -1.19 -20.49
CA LEU A 267 9.31 -0.26 -21.61
C LEU A 267 10.15 0.96 -21.28
N VAL A 268 10.94 1.40 -22.26
CA VAL A 268 11.90 2.47 -22.04
C VAL A 268 11.18 3.79 -22.27
N TYR A 269 11.03 4.57 -21.20
CA TYR A 269 10.53 5.94 -21.31
C TYR A 269 11.71 6.86 -21.62
N GLU A 270 12.33 6.56 -22.76
CA GLU A 270 13.38 7.38 -23.36
C GLU A 270 13.23 8.86 -23.04
N GLY A 271 14.29 9.45 -22.50
CA GLY A 271 14.26 10.83 -22.06
C GLY A 271 13.89 11.02 -20.60
N PHE A 272 13.34 9.99 -19.96
CA PHE A 272 12.86 10.15 -18.59
C PHE A 272 13.49 9.18 -17.62
N TRP A 273 13.65 7.92 -17.99
CA TRP A 273 14.44 6.97 -17.23
C TRP A 273 15.39 6.27 -18.17
N GLU A 274 16.55 5.90 -17.63
CA GLU A 274 17.56 5.22 -18.43
C GLU A 274 17.14 3.79 -18.75
N ASP A 275 16.73 3.04 -17.74
CA ASP A 275 16.36 1.64 -17.92
C ASP A 275 14.86 1.48 -18.09
N PRO A 276 14.42 0.33 -18.61
CA PRO A 276 12.98 0.09 -18.87
C PRO A 276 12.21 -0.31 -17.62
N LYS A 277 11.24 0.52 -17.23
CA LYS A 277 10.35 0.27 -16.09
C LYS A 277 9.12 -0.53 -16.48
N GLU A 278 8.66 -1.39 -15.56
CA GLU A 278 7.49 -2.25 -15.74
C GLU A 278 6.25 -1.68 -15.07
N PHE A 279 5.11 -1.75 -15.76
CA PHE A 279 3.82 -1.36 -15.20
C PHE A 279 2.72 -2.28 -15.70
N ALA A 280 1.75 -2.55 -14.81
CA ALA A 280 0.57 -3.37 -15.10
C ALA A 280 -0.44 -2.60 -15.94
N GLY A 281 -1.20 -3.35 -16.76
CA GLY A 281 -2.23 -2.77 -17.59
C GLY A 281 -3.52 -2.53 -16.84
N GLY A 282 -4.48 -1.92 -17.52
CA GLY A 282 -5.77 -1.62 -16.91
C GLY A 282 -6.48 -2.87 -16.40
N SER A 283 -7.22 -2.69 -15.31
CA SER A 283 -7.99 -3.75 -14.66
C SER A 283 -9.05 -3.12 -13.77
N ALA A 284 -10.26 -3.67 -13.80
CA ALA A 284 -11.25 -3.25 -12.82
C ALA A 284 -10.87 -3.63 -11.38
N GLY A 285 -9.80 -4.40 -11.19
CA GLY A 285 -9.16 -4.39 -9.89
C GLY A 285 -8.76 -3.00 -9.46
N GLN A 286 -8.45 -2.11 -10.41
CA GLN A 286 -8.11 -0.71 -10.15
C GLN A 286 -9.34 0.14 -9.83
N SER A 287 -10.54 -0.43 -9.92
CA SER A 287 -11.72 0.32 -9.57
C SER A 287 -11.81 0.48 -8.06
N SER A 288 -12.10 1.70 -7.62
CA SER A 288 -12.21 1.93 -6.18
C SER A 288 -13.49 1.35 -5.61
N VAL A 289 -14.56 1.20 -6.43
CA VAL A 289 -15.89 0.89 -5.87
C VAL A 289 -15.89 -0.49 -5.20
N PHE A 290 -15.38 -1.53 -5.88
CA PHE A 290 -15.56 -2.82 -5.22
C PHE A 290 -14.53 -3.08 -4.14
N GLN A 291 -13.32 -2.51 -4.24
CA GLN A 291 -12.49 -2.48 -3.04
C GLN A 291 -13.16 -1.67 -1.95
N CYS A 292 -13.88 -0.62 -2.33
CA CYS A 292 -14.47 0.29 -1.35
C CYS A 292 -15.42 -0.43 -0.41
N PHE A 293 -16.37 -1.18 -0.97
CA PHE A 293 -17.37 -1.80 -0.12
C PHE A 293 -16.84 -3.02 0.62
N ASP A 294 -15.83 -3.70 0.08
CA ASP A 294 -15.21 -4.78 0.86
C ASP A 294 -14.60 -4.23 2.14
N VAL A 295 -13.92 -3.09 2.06
CA VAL A 295 -13.36 -2.45 3.24
C VAL A 295 -14.47 -2.10 4.22
N LEU A 296 -15.48 -1.34 3.75
CA LEU A 296 -16.59 -0.93 4.60
C LEU A 296 -17.18 -2.10 5.38
N LEU A 297 -17.36 -3.25 4.73
CA LEU A 297 -18.03 -4.39 5.32
C LEU A 297 -17.07 -5.36 6.00
N GLY A 298 -15.80 -4.97 6.16
CA GLY A 298 -14.84 -5.85 6.79
C GLY A 298 -14.67 -7.16 6.07
N ILE A 299 -14.75 -7.17 4.75
CA ILE A 299 -14.36 -8.31 3.92
C ILE A 299 -12.90 -8.12 3.56
N GLN A 300 -12.02 -8.94 4.12
CA GLN A 300 -10.59 -8.64 4.12
C GLN A 300 -9.92 -9.18 2.84
N GLN A 301 -10.29 -8.57 1.70
CA GLN A 301 -9.73 -8.99 0.43
C GLN A 301 -8.24 -8.70 0.37
N THR A 302 -7.78 -7.69 1.10
CA THR A 302 -6.40 -7.24 1.08
C THR A 302 -5.56 -7.84 2.21
N ALA A 303 -6.18 -8.17 3.34
CA ALA A 303 -5.49 -8.89 4.42
C ALA A 303 -4.91 -10.19 3.91
N GLY A 304 -3.68 -10.47 4.34
CA GLY A 304 -3.04 -11.72 4.04
C GLY A 304 -1.75 -11.51 3.27
N GLY A 305 -1.20 -12.62 2.78
CA GLY A 305 -0.02 -12.58 1.96
C GLY A 305 -0.22 -13.33 0.66
N GLY A 306 -1.45 -13.74 0.39
CA GLY A 306 -1.78 -14.42 -0.84
C GLY A 306 -1.67 -13.51 -2.04
N HIS A 307 -1.92 -14.09 -3.22
CA HIS A 307 -1.76 -13.34 -4.46
C HIS A 307 -2.90 -12.36 -4.68
N ALA A 308 -4.16 -12.80 -4.47
CA ALA A 308 -5.30 -11.91 -4.59
C ALA A 308 -5.11 -10.66 -3.73
N ALA A 309 -4.68 -10.86 -2.48
CA ALA A 309 -4.46 -9.73 -1.59
C ALA A 309 -3.36 -8.81 -2.13
N GLN A 310 -2.28 -9.38 -2.65
CA GLN A 310 -1.19 -8.57 -3.17
C GLN A 310 -1.63 -7.79 -4.41
N PHE A 311 -2.40 -8.45 -5.30
CA PHE A 311 -2.90 -7.76 -6.48
C PHE A 311 -3.77 -6.57 -6.09
N LEU A 312 -4.73 -6.80 -5.18
CA LEU A 312 -5.65 -5.72 -4.83
C LEU A 312 -4.93 -4.60 -4.11
N GLN A 313 -3.89 -4.94 -3.33
CA GLN A 313 -3.06 -3.92 -2.70
C GLN A 313 -2.29 -3.13 -3.76
N ASP A 314 -1.67 -3.84 -4.70
CA ASP A 314 -0.87 -3.17 -5.72
C ASP A 314 -1.73 -2.27 -6.61
N MET A 315 -2.93 -2.76 -6.99
CA MET A 315 -3.79 -1.95 -7.85
C MET A 315 -4.17 -0.62 -7.22
N ARG A 316 -4.14 -0.51 -5.88
CA ARG A 316 -4.36 0.78 -5.26
C ARG A 316 -3.37 1.83 -5.75
N ARG A 317 -2.20 1.41 -6.21
CA ARG A 317 -1.20 2.36 -6.69
C ARG A 317 -1.56 2.93 -8.04
N TYR A 318 -2.49 2.29 -8.77
CA TYR A 318 -2.98 2.73 -10.06
C TYR A 318 -4.29 3.51 -9.97
N MET A 319 -4.74 3.85 -8.77
CA MET A 319 -5.90 4.71 -8.64
C MET A 319 -5.44 6.14 -8.43
N PRO A 320 -6.28 7.13 -8.73
CA PRO A 320 -5.97 8.50 -8.35
C PRO A 320 -5.66 8.60 -6.86
N PRO A 321 -4.79 9.54 -6.47
CA PRO A 321 -4.33 9.54 -5.06
C PRO A 321 -5.43 9.87 -4.07
N ALA A 322 -6.33 10.79 -4.44
CA ALA A 322 -7.47 11.10 -3.58
C ALA A 322 -8.29 9.85 -3.28
N HIS A 323 -8.32 8.90 -4.22
CA HIS A 323 -9.12 7.70 -4.07
C HIS A 323 -8.42 6.62 -3.28
N ARG A 324 -7.10 6.50 -3.40
CA ARG A 324 -6.45 5.55 -2.48
C ARG A 324 -6.45 6.12 -1.06
N ASN A 325 -6.44 7.44 -0.93
CA ASN A 325 -6.63 8.04 0.38
C ASN A 325 -7.99 7.62 0.96
N PHE A 326 -9.03 7.67 0.12
CA PHE A 326 -10.36 7.34 0.60
C PHE A 326 -10.42 5.90 1.09
N LEU A 327 -9.82 4.98 0.35
CA LEU A 327 -9.85 3.58 0.74
C LEU A 327 -9.16 3.37 2.08
N CYS A 328 -7.91 3.84 2.22
CA CYS A 328 -7.19 3.53 3.45
C CYS A 328 -7.74 4.32 4.64
N SER A 329 -8.47 5.40 4.39
CA SER A 329 -9.11 6.06 5.51
C SER A 329 -10.36 5.28 5.96
N LEU A 330 -11.05 4.59 5.05
CA LEU A 330 -12.09 3.66 5.48
C LEU A 330 -11.51 2.56 6.36
N GLU A 331 -10.30 2.07 6.04
CA GLU A 331 -9.67 1.07 6.89
C GLU A 331 -9.36 1.61 8.29
N SER A 332 -9.32 2.93 8.45
CA SER A 332 -9.02 3.54 9.73
C SER A 332 -10.23 3.59 10.68
N ASN A 333 -11.45 3.46 10.15
CA ASN A 333 -12.66 3.52 10.96
C ASN A 333 -12.91 2.20 11.66
N PRO A 334 -13.79 2.20 12.67
CA PRO A 334 -14.13 0.94 13.34
C PRO A 334 -15.01 0.07 12.48
N SER A 335 -14.88 -1.25 12.70
CA SER A 335 -15.50 -2.26 11.86
C SER A 335 -17.02 -2.20 11.93
N VAL A 336 -17.69 -2.25 10.78
CA VAL A 336 -19.14 -2.41 10.79
C VAL A 336 -19.50 -3.85 11.10
N ARG A 337 -18.79 -4.80 10.51
CA ARG A 337 -18.99 -6.21 10.82
C ARG A 337 -19.02 -6.43 12.33
N GLU A 338 -17.99 -5.97 13.04
CA GLU A 338 -17.92 -6.21 14.48
C GLU A 338 -19.11 -5.60 15.20
N PHE A 339 -19.41 -4.33 14.91
CA PHE A 339 -20.51 -3.64 15.57
C PHE A 339 -21.83 -4.38 15.37
N VAL A 340 -22.10 -4.81 14.14
CA VAL A 340 -23.32 -5.58 13.85
C VAL A 340 -23.31 -6.91 14.57
N LEU A 341 -22.13 -7.50 14.76
CA LEU A 341 -22.02 -8.80 15.41
C LEU A 341 -22.23 -8.71 16.91
N SER A 342 -22.14 -7.50 17.47
CA SER A 342 -22.11 -7.31 18.90
C SER A 342 -23.47 -6.91 19.46
N LYS A 343 -24.55 -7.06 18.67
CA LYS A 343 -25.82 -6.44 18.98
C LYS A 343 -27.01 -7.39 19.17
N GLY A 344 -26.92 -8.63 18.71
CA GLY A 344 -28.05 -9.55 18.88
C GLY A 344 -29.30 -9.06 18.20
N ASP A 345 -29.16 -8.44 17.03
CA ASP A 345 -30.19 -7.63 16.39
C ASP A 345 -30.36 -8.18 14.98
N ALA A 346 -31.34 -9.07 14.79
CA ALA A 346 -31.46 -9.80 13.53
C ALA A 346 -31.75 -8.87 12.36
N GLY A 347 -32.47 -7.77 12.62
CA GLY A 347 -32.67 -6.78 11.58
C GLY A 347 -31.35 -6.26 11.03
N LEU A 348 -30.45 -5.87 11.94
CA LEU A 348 -29.14 -5.36 11.54
C LEU A 348 -28.33 -6.41 10.80
N ARG A 349 -28.30 -7.63 11.34
CA ARG A 349 -27.52 -8.68 10.71
C ARG A 349 -28.02 -8.93 9.30
N GLU A 350 -29.33 -8.83 9.11
CA GLU A 350 -29.92 -9.10 7.80
C GLU A 350 -29.60 -7.99 6.81
N ALA A 351 -29.62 -6.74 7.26
CA ALA A 351 -29.26 -5.65 6.37
C ALA A 351 -27.77 -5.68 6.06
N TYR A 352 -26.93 -5.99 7.06
CA TYR A 352 -25.53 -6.23 6.78
C TYR A 352 -25.36 -7.35 5.77
N ASP A 353 -26.08 -8.47 5.98
CA ASP A 353 -25.98 -9.61 5.07
C ASP A 353 -26.51 -9.26 3.67
N ALA A 354 -27.51 -8.39 3.57
CA ALA A 354 -27.99 -8.00 2.26
C ALA A 354 -26.91 -7.23 1.48
N CYS A 355 -26.02 -6.50 2.17
CA CYS A 355 -24.87 -5.91 1.49
C CYS A 355 -23.91 -6.97 0.98
N VAL A 356 -23.54 -7.92 1.84
CA VAL A 356 -22.57 -8.94 1.44
C VAL A 356 -23.11 -9.80 0.31
N LYS A 357 -24.42 -10.10 0.34
CA LYS A 357 -24.97 -10.96 -0.70
C LYS A 357 -24.98 -10.24 -2.04
N ALA A 358 -25.26 -8.94 -2.06
CA ALA A 358 -25.16 -8.19 -3.31
C ALA A 358 -23.75 -8.26 -3.90
N LEU A 359 -22.71 -8.23 -3.06
CA LEU A 359 -21.34 -8.43 -3.55
C LEU A 359 -21.14 -9.82 -4.13
N VAL A 360 -21.69 -10.85 -3.48
CA VAL A 360 -21.55 -12.20 -3.98
C VAL A 360 -22.27 -12.34 -5.33
N SER A 361 -23.39 -11.65 -5.51
CA SER A 361 -24.10 -11.77 -6.77
C SER A 361 -23.34 -11.06 -7.89
N LEU A 362 -22.77 -9.89 -7.61
CA LEU A 362 -21.93 -9.21 -8.60
C LEU A 362 -20.75 -10.09 -8.99
N ARG A 363 -20.02 -10.63 -8.00
CA ARG A 363 -18.83 -11.41 -8.33
C ARG A 363 -19.19 -12.73 -9.01
N SER A 364 -20.33 -13.33 -8.64
CA SER A 364 -20.78 -14.57 -9.29
C SER A 364 -21.23 -14.29 -10.72
N TYR A 365 -22.05 -13.26 -10.92
CA TYR A 365 -22.42 -12.87 -12.27
C TYR A 365 -21.22 -12.45 -13.09
N HIS A 366 -20.15 -12.03 -12.43
CA HIS A 366 -18.97 -11.57 -13.11
C HIS A 366 -18.10 -12.74 -13.55
N LEU A 367 -17.97 -13.78 -12.72
CA LEU A 367 -17.36 -15.01 -13.20
C LEU A 367 -18.14 -15.58 -14.39
N GLN A 368 -19.46 -15.34 -14.42
CA GLN A 368 -20.25 -15.76 -15.58
C GLN A 368 -19.71 -15.13 -16.86
N ILE A 369 -19.51 -13.81 -16.86
CA ILE A 369 -19.16 -13.15 -18.09
C ILE A 369 -17.66 -13.27 -18.41
N VAL A 370 -16.80 -13.53 -17.43
CA VAL A 370 -15.40 -13.83 -17.76
C VAL A 370 -15.31 -15.19 -18.46
N THR A 371 -16.25 -16.10 -18.15
CA THR A 371 -16.44 -17.32 -18.93
C THR A 371 -16.81 -17.00 -20.39
N LYS A 372 -17.75 -16.08 -20.59
CA LYS A 372 -18.22 -15.74 -21.92
C LYS A 372 -17.22 -14.91 -22.72
N TYR A 373 -16.45 -14.03 -22.09
CA TYR A 373 -15.61 -13.11 -22.84
C TYR A 373 -14.12 -13.39 -22.76
N ILE A 374 -13.68 -14.36 -21.96
CA ILE A 374 -12.27 -14.71 -21.99
C ILE A 374 -12.07 -16.22 -22.13
N LEU A 375 -12.86 -17.02 -21.42
CA LEU A 375 -12.62 -18.47 -21.40
C LEU A 375 -13.03 -19.13 -22.72
N ILE A 376 -14.28 -18.95 -23.15
CA ILE A 376 -14.75 -19.58 -24.38
C ILE A 376 -14.20 -18.92 -25.66
N PRO A 377 -13.73 -17.63 -25.68
CA PRO A 377 -12.96 -17.18 -26.86
C PRO A 377 -11.53 -17.70 -26.85
N ALA A 378 -10.92 -17.89 -25.67
CA ALA A 378 -9.60 -18.55 -25.62
C ALA A 378 -9.66 -20.05 -25.90
N SER A 379 -10.79 -20.57 -26.37
CA SER A 379 -10.91 -21.97 -26.77
C SER A 379 -10.96 -22.14 -28.29
N GLN A 380 -10.57 -21.11 -29.05
CA GLN A 380 -10.79 -21.12 -30.50
C GLN A 380 -9.96 -20.07 -31.23
N GLY A 400 -3.58 -22.57 -18.31
CA GLY A 400 -2.85 -21.37 -18.67
C GLY A 400 -3.57 -20.08 -18.29
N GLY A 401 -4.89 -20.04 -18.54
CA GLY A 401 -5.74 -18.92 -18.15
C GLY A 401 -6.57 -19.26 -16.92
N THR A 402 -6.13 -20.30 -16.21
CA THR A 402 -6.68 -20.72 -14.92
C THR A 402 -6.34 -19.75 -13.79
N ASP A 403 -5.50 -18.75 -14.05
CA ASP A 403 -5.10 -17.80 -13.02
C ASP A 403 -6.24 -16.85 -12.66
N LEU A 404 -6.83 -16.20 -13.68
CA LEU A 404 -7.90 -15.23 -13.46
C LEU A 404 -9.12 -15.87 -12.80
N MET A 405 -9.41 -17.13 -13.15
CA MET A 405 -10.56 -17.82 -12.58
C MET A 405 -10.33 -18.18 -11.11
N ASN A 406 -9.09 -18.52 -10.75
CA ASN A 406 -8.75 -18.74 -9.35
C ASN A 406 -8.70 -17.43 -8.58
N PHE A 407 -8.31 -16.34 -9.23
CA PHE A 407 -8.33 -15.05 -8.53
C PHE A 407 -9.75 -14.61 -8.21
N LEU A 408 -10.65 -14.69 -9.20
CA LEU A 408 -12.02 -14.24 -8.99
C LEU A 408 -12.78 -15.13 -8.02
N LYS A 409 -12.46 -16.42 -7.97
CA LYS A 409 -13.15 -17.28 -7.02
C LYS A 409 -12.64 -17.08 -5.59
N THR A 410 -11.34 -16.86 -5.41
CA THR A 410 -10.82 -16.47 -4.09
C THR A 410 -11.50 -15.21 -3.59
N VAL A 411 -11.59 -14.17 -4.44
CA VAL A 411 -12.25 -12.93 -4.06
C VAL A 411 -13.74 -13.17 -3.81
N ARG A 412 -14.38 -13.95 -4.69
CA ARG A 412 -15.77 -14.32 -4.45
C ARG A 412 -15.90 -15.14 -3.18
N SER A 413 -14.99 -16.08 -2.95
CA SER A 413 -15.07 -16.91 -1.75
C SER A 413 -14.89 -16.08 -0.48
N THR A 414 -13.96 -15.13 -0.49
CA THR A 414 -13.74 -14.33 0.71
C THR A 414 -14.97 -13.51 1.03
N THR A 415 -15.71 -13.07 0.01
CA THR A 415 -16.96 -12.36 0.24
C THR A 415 -18.01 -13.29 0.83
N GLU A 416 -18.18 -14.46 0.22
CA GLU A 416 -19.21 -15.39 0.69
C GLU A 416 -18.98 -15.76 2.16
N LYS A 417 -17.72 -15.98 2.57
CA LYS A 417 -17.45 -16.38 3.95
C LYS A 417 -17.67 -15.24 4.96
N SER A 418 -17.74 -13.98 4.50
CA SER A 418 -18.05 -12.86 5.39
C SER A 418 -19.52 -12.82 5.80
N LEU A 419 -20.38 -13.60 5.15
CA LEU A 419 -21.79 -13.65 5.54
C LEU A 419 -21.93 -14.05 7.01
N LEU A 420 -22.93 -13.45 7.66
CA LEU A 420 -23.26 -13.76 9.05
C LEU A 420 -24.21 -14.92 9.15
N LYS A 421 -24.94 -15.20 8.08
CA LYS A 421 -25.93 -16.24 8.06
C LYS A 421 -26.26 -16.54 6.61
N GLU A 422 -25.91 -17.75 6.17
CA GLU A 422 -26.58 -18.39 5.03
C GLU A 422 -26.12 -19.84 5.11
N GLY A 423 -26.69 -20.59 6.03
CA GLY A 423 -26.35 -21.98 6.22
C GLY A 423 -26.51 -22.83 4.99
N SER B 32 -2.65 14.91 17.22
CA SER B 32 -2.80 13.50 16.94
C SER B 32 -3.86 12.95 17.90
N LYS B 33 -4.46 11.81 17.61
CA LYS B 33 -5.63 11.41 18.40
C LYS B 33 -5.48 10.03 19.00
N GLU B 34 -5.73 8.99 18.21
CA GLU B 34 -5.74 7.60 18.67
C GLU B 34 -4.95 6.78 17.65
N TYR B 35 -3.90 7.42 17.12
CA TYR B 35 -2.83 6.79 16.36
C TYR B 35 -1.79 6.11 17.24
N HIS B 36 -2.05 6.00 18.55
CA HIS B 36 -1.08 5.42 19.50
C HIS B 36 0.28 6.05 19.30
N ILE B 37 0.33 7.37 19.38
CA ILE B 37 1.56 8.13 19.30
C ILE B 37 1.73 8.87 20.62
N ASP B 38 2.90 8.70 21.23
CA ASP B 38 3.18 9.20 22.56
C ASP B 38 4.03 10.46 22.46
N GLU B 39 3.74 11.44 23.31
CA GLU B 39 4.48 12.69 23.19
C GLU B 39 5.96 12.51 23.54
N GLU B 40 6.27 11.60 24.45
CA GLU B 40 7.65 11.45 24.89
C GLU B 40 8.44 10.48 24.02
N VAL B 41 7.83 9.38 23.58
CA VAL B 41 8.55 8.31 22.89
C VAL B 41 8.02 8.05 21.49
N GLY B 42 7.03 8.82 21.03
CA GLY B 42 6.57 8.71 19.66
C GLY B 42 5.87 7.42 19.29
N PHE B 43 6.44 6.69 18.34
CA PHE B 43 5.86 5.44 17.90
C PHE B 43 6.21 4.28 18.82
N ALA B 44 7.23 4.44 19.67
CA ALA B 44 7.55 3.42 20.65
C ALA B 44 6.39 3.24 21.60
N LEU B 45 6.31 2.05 22.13
CA LEU B 45 5.33 1.76 23.16
C LEU B 45 5.82 2.38 24.47
N PRO B 46 5.01 3.20 25.13
CA PRO B 46 5.43 3.76 26.43
C PRO B 46 5.37 2.68 27.51
N ASN B 47 6.38 2.66 28.39
CA ASN B 47 6.58 1.68 29.46
C ASN B 47 6.00 0.30 29.13
N PRO B 48 6.73 -0.49 28.35
CA PRO B 48 6.21 -1.82 27.98
C PRO B 48 6.08 -2.73 29.19
N GLN B 49 4.98 -3.48 29.21
CA GLN B 49 4.78 -4.49 30.22
C GLN B 49 5.95 -5.47 30.24
N GLU B 50 6.50 -5.72 31.44
CA GLU B 50 7.64 -6.63 31.56
C GLU B 50 7.26 -8.05 31.97
N ASN B 51 6.07 -8.25 32.54
CA ASN B 51 5.66 -9.58 32.96
C ASN B 51 4.31 -9.92 32.37
N LEU B 52 4.10 -11.21 32.12
CA LEU B 52 2.85 -11.77 31.67
C LEU B 52 2.09 -12.37 32.84
N PRO B 53 0.77 -12.56 32.70
CA PRO B 53 0.03 -13.36 33.68
C PRO B 53 0.75 -14.69 33.93
N ASP B 54 0.58 -15.23 35.14
CA ASP B 54 1.25 -16.48 35.49
C ASP B 54 0.76 -17.64 34.65
N PHE B 55 -0.42 -17.51 34.03
CA PHE B 55 -0.91 -18.48 33.06
C PHE B 55 0.10 -18.76 31.95
N TYR B 56 1.12 -17.89 31.75
CA TYR B 56 2.05 -17.99 30.62
C TYR B 56 3.52 -18.08 31.07
N ASN B 57 3.81 -18.64 32.25
CA ASN B 57 5.21 -18.76 32.67
C ASN B 57 6.00 -19.67 31.74
N ASP B 58 5.34 -20.62 31.09
CA ASP B 58 6.03 -21.54 30.21
C ASP B 58 6.69 -20.78 29.05
N TRP B 59 5.90 -19.94 28.37
CA TRP B 59 6.40 -18.96 27.43
C TRP B 59 7.56 -18.15 28.02
N MET B 60 7.31 -17.49 29.15
CA MET B 60 8.32 -16.58 29.71
C MET B 60 9.62 -17.29 30.05
N PHE B 61 9.55 -18.51 30.63
CA PHE B 61 10.77 -19.19 31.03
C PHE B 61 11.66 -19.46 29.82
N ILE B 62 11.05 -19.92 28.73
CA ILE B 62 11.76 -20.08 27.46
C ILE B 62 12.31 -18.73 26.98
N ALA B 63 11.41 -17.76 26.76
CA ALA B 63 11.85 -16.49 26.19
C ALA B 63 12.89 -15.81 27.05
N LYS B 64 12.79 -15.95 28.38
CA LYS B 64 13.74 -15.27 29.24
C LYS B 64 15.10 -15.95 29.30
N HIS B 65 15.22 -17.20 28.81
CA HIS B 65 16.50 -17.91 28.87
C HIS B 65 17.02 -18.37 27.51
N LEU B 66 16.56 -17.76 26.41
CA LEU B 66 17.03 -18.13 25.08
C LEU B 66 18.55 -18.26 24.97
N PRO B 67 19.38 -17.33 25.49
CA PRO B 67 20.83 -17.49 25.31
C PRO B 67 21.34 -18.84 25.77
N ASP B 68 20.91 -19.32 26.95
CA ASP B 68 21.41 -20.60 27.42
C ASP B 68 20.69 -21.79 26.77
N LEU B 69 19.37 -21.70 26.57
CA LEU B 69 18.63 -22.81 25.98
C LEU B 69 19.06 -23.11 24.54
N ILE B 70 19.44 -22.09 23.76
CA ILE B 70 19.93 -22.34 22.41
C ILE B 70 21.29 -23.01 22.46
N GLU B 71 22.19 -22.50 23.32
CA GLU B 71 23.56 -23.00 23.40
C GLU B 71 23.60 -24.44 23.94
N SER B 72 22.85 -24.71 25.00
CA SER B 72 22.76 -26.07 25.51
C SER B 72 22.05 -27.04 24.56
N GLY B 73 21.44 -26.55 23.48
CA GLY B 73 20.70 -27.45 22.63
C GLY B 73 19.40 -27.96 23.22
N GLN B 74 18.89 -27.29 24.25
CA GLN B 74 17.63 -27.71 24.84
C GLN B 74 16.41 -27.02 24.23
N LEU B 75 16.61 -25.92 23.48
CA LEU B 75 15.53 -25.00 23.16
C LEU B 75 14.43 -25.64 22.32
N ARG B 76 14.80 -26.25 21.19
CA ARG B 76 13.80 -26.78 20.27
C ARG B 76 12.92 -27.83 20.94
N GLU B 77 13.51 -28.71 21.76
CA GLU B 77 12.73 -29.70 22.47
C GLU B 77 11.75 -29.05 23.44
N ARG B 78 12.21 -28.10 24.26
CA ARG B 78 11.32 -27.37 25.17
C ARG B 78 10.11 -26.79 24.44
N VAL B 79 10.34 -26.12 23.29
CA VAL B 79 9.23 -25.57 22.51
C VAL B 79 8.24 -26.65 22.14
N GLU B 80 8.76 -27.84 21.77
CA GLU B 80 7.92 -28.93 21.31
C GLU B 80 7.15 -29.61 22.45
N LYS B 81 7.69 -29.60 23.67
CA LYS B 81 6.99 -30.09 24.85
C LYS B 81 5.94 -29.12 25.39
N LEU B 82 5.86 -27.90 24.86
CA LEU B 82 4.92 -26.92 25.39
C LEU B 82 3.49 -27.37 25.14
N ASN B 83 2.60 -26.95 26.04
CA ASN B 83 1.16 -27.09 25.87
C ASN B 83 0.59 -25.85 25.16
N MET B 84 -0.58 -26.02 24.56
CA MET B 84 -1.19 -24.95 23.76
C MET B 84 -2.02 -24.05 24.67
N LEU B 85 -1.41 -22.97 25.16
CA LEU B 85 -2.11 -22.02 26.01
C LEU B 85 -2.98 -21.09 25.16
N SER B 86 -4.08 -20.65 25.77
CA SER B 86 -5.02 -19.72 25.13
C SER B 86 -4.54 -18.29 25.27
N ILE B 87 -5.04 -17.41 24.38
CA ILE B 87 -4.62 -16.01 24.41
C ILE B 87 -5.59 -15.12 25.19
N ASP B 88 -6.72 -15.67 25.67
CA ASP B 88 -7.79 -14.82 26.17
C ASP B 88 -7.45 -14.17 27.50
N HIS B 89 -6.49 -14.72 28.25
CA HIS B 89 -6.01 -14.11 29.48
C HIS B 89 -5.04 -12.96 29.22
N LEU B 90 -4.86 -12.57 27.96
CA LEU B 90 -4.13 -11.35 27.57
C LEU B 90 -5.18 -10.30 27.22
N THR B 91 -5.45 -9.40 28.17
CA THR B 91 -6.62 -8.54 28.05
C THR B 91 -6.31 -7.15 27.51
N ASP B 92 -5.34 -6.43 28.07
CA ASP B 92 -5.04 -5.10 27.59
C ASP B 92 -3.93 -5.12 26.52
N HIS B 93 -3.75 -3.97 25.85
CA HIS B 93 -2.86 -3.90 24.70
C HIS B 93 -1.43 -4.26 25.08
N LYS B 94 -0.90 -3.62 26.14
CA LYS B 94 0.49 -3.86 26.52
C LYS B 94 0.77 -5.34 26.79
N SER B 95 -0.19 -6.09 27.32
CA SER B 95 0.07 -7.49 27.59
C SER B 95 0.05 -8.32 26.31
N GLN B 96 -0.82 -7.97 25.35
CA GLN B 96 -0.76 -8.66 24.06
C GLN B 96 0.52 -8.34 23.30
N ARG B 97 1.07 -7.14 23.48
CA ARG B 97 2.33 -6.79 22.86
C ARG B 97 3.50 -7.54 23.49
N LEU B 98 3.52 -7.65 24.82
CA LEU B 98 4.59 -8.43 25.44
C LEU B 98 4.57 -9.87 24.94
N ALA B 99 3.37 -10.38 24.65
CA ALA B 99 3.23 -11.77 24.23
C ALA B 99 3.75 -11.96 22.80
N ARG B 100 3.37 -11.06 21.90
CA ARG B 100 3.93 -11.06 20.54
C ARG B 100 5.44 -11.08 20.57
N LEU B 101 6.03 -10.20 21.38
CA LEU B 101 7.48 -10.19 21.53
C LEU B 101 8.00 -11.55 22.04
N VAL B 102 7.35 -12.11 23.09
CA VAL B 102 7.80 -13.37 23.67
C VAL B 102 7.69 -14.50 22.64
N LEU B 103 6.50 -14.68 22.06
CA LEU B 103 6.34 -15.71 21.05
C LEU B 103 7.26 -15.47 19.85
N GLY B 104 7.43 -14.22 19.43
CA GLY B 104 8.23 -13.94 18.24
C GLY B 104 9.70 -14.31 18.43
N CYS B 105 10.28 -13.94 19.57
CA CYS B 105 11.66 -14.34 19.86
C CYS B 105 11.80 -15.86 19.95
N ILE B 106 10.79 -16.54 20.50
CA ILE B 106 10.86 -17.99 20.59
C ILE B 106 10.79 -18.60 19.19
N THR B 107 9.87 -18.10 18.35
CA THR B 107 9.76 -18.61 16.98
C THR B 107 11.07 -18.46 16.20
N MET B 108 11.76 -17.34 16.36
CA MET B 108 13.06 -17.17 15.71
C MET B 108 14.06 -18.20 16.20
N ALA B 109 14.25 -18.30 17.52
CA ALA B 109 15.17 -19.28 18.08
C ALA B 109 14.84 -20.70 17.62
N TYR B 110 13.56 -21.04 17.57
CA TYR B 110 13.19 -22.38 17.12
C TYR B 110 13.51 -22.56 15.64
N VAL B 111 13.14 -21.58 14.81
CA VAL B 111 13.35 -21.69 13.38
C VAL B 111 14.85 -21.71 13.04
N TRP B 112 15.64 -20.85 13.68
CA TRP B 112 17.05 -20.73 13.31
C TRP B 112 18.00 -21.52 14.21
N GLY B 113 17.51 -22.13 15.29
CA GLY B 113 18.40 -22.94 16.10
C GLY B 113 19.55 -22.12 16.64
N LYS B 114 20.74 -22.72 16.67
CA LYS B 114 21.93 -22.00 17.09
C LYS B 114 22.45 -21.07 16.03
N GLY B 115 21.72 -20.92 14.94
CA GLY B 115 22.08 -19.96 13.91
C GLY B 115 23.22 -20.39 13.02
N HIS B 116 23.41 -21.70 12.83
CA HIS B 116 24.47 -22.24 11.98
C HIS B 116 23.92 -22.85 10.70
N GLY B 117 22.65 -22.63 10.38
CA GLY B 117 22.08 -23.11 9.14
C GLY B 117 21.12 -24.28 9.28
N ASP B 118 21.00 -24.93 10.45
CA ASP B 118 20.00 -25.99 10.58
C ASP B 118 18.66 -25.36 10.94
N VAL B 119 17.65 -25.63 10.12
CA VAL B 119 16.46 -24.79 10.01
C VAL B 119 15.24 -25.67 10.20
N ARG B 120 14.42 -25.34 11.18
CA ARG B 120 13.14 -25.99 11.32
C ARG B 120 12.17 -25.35 10.35
N LYS B 121 11.53 -26.18 9.51
CA LYS B 121 10.57 -25.71 8.52
C LYS B 121 9.14 -25.82 9.00
N VAL B 122 8.91 -26.26 10.24
CA VAL B 122 7.58 -26.42 10.80
C VAL B 122 7.56 -25.81 12.18
N LEU B 123 6.62 -24.88 12.40
CA LEU B 123 6.44 -24.31 13.73
C LEU B 123 5.42 -25.17 14.48
N PRO B 124 5.78 -25.73 15.64
CA PRO B 124 4.87 -26.68 16.32
C PRO B 124 3.58 -26.01 16.79
N ARG B 125 2.45 -26.63 16.43
CA ARG B 125 1.15 -25.98 16.58
C ARG B 125 0.83 -25.55 18.01
N ASN B 126 1.44 -26.17 19.02
CA ASN B 126 1.21 -25.70 20.38
C ASN B 126 1.71 -24.27 20.60
N ILE B 127 2.53 -23.73 19.69
CA ILE B 127 2.92 -22.33 19.77
C ILE B 127 2.52 -21.61 18.49
N ALA B 128 2.46 -22.33 17.37
CA ALA B 128 2.03 -21.70 16.12
C ALA B 128 0.61 -21.15 16.22
N VAL B 129 -0.28 -21.85 16.92
CA VAL B 129 -1.68 -21.45 16.95
C VAL B 129 -1.92 -20.20 17.80
N PRO B 130 -1.47 -20.13 19.07
CA PRO B 130 -1.65 -18.86 19.81
C PRO B 130 -0.93 -17.68 19.16
N TYR B 131 0.30 -17.88 18.66
CA TYR B 131 1.01 -16.83 17.95
C TYR B 131 0.20 -16.32 16.75
N CYS B 132 -0.29 -17.24 15.91
CA CYS B 132 -1.09 -16.82 14.75
C CYS B 132 -2.39 -16.15 15.15
N GLN B 133 -2.99 -16.57 16.27
CA GLN B 133 -4.26 -15.99 16.68
C GLN B 133 -4.08 -14.58 17.24
N LEU B 134 -3.23 -14.45 18.27
CA LEU B 134 -2.88 -13.14 18.82
C LEU B 134 -2.37 -12.18 17.74
N SER B 135 -1.67 -12.70 16.73
CA SER B 135 -1.25 -11.86 15.61
C SER B 135 -2.46 -11.29 14.89
N LYS B 136 -3.38 -12.16 14.45
CA LYS B 136 -4.56 -11.66 13.74
C LYS B 136 -5.34 -10.68 14.60
N LYS B 137 -5.28 -10.82 15.92
CA LYS B 137 -5.97 -9.89 16.79
C LYS B 137 -5.38 -8.50 16.68
N LEU B 138 -4.05 -8.41 16.59
CA LEU B 138 -3.36 -7.14 16.50
C LEU B 138 -3.13 -6.68 15.06
N GLU B 139 -3.67 -7.42 14.07
CA GLU B 139 -3.53 -7.08 12.66
C GLU B 139 -2.08 -6.95 12.25
N LEU B 140 -1.26 -7.89 12.73
CA LEU B 140 0.16 -8.01 12.48
C LEU B 140 0.49 -9.41 11.99
N PRO B 141 1.54 -9.57 11.17
CA PRO B 141 1.90 -10.89 10.68
C PRO B 141 2.56 -11.71 11.78
N PRO B 142 2.48 -13.05 11.69
CA PRO B 142 3.09 -13.93 12.71
C PRO B 142 4.58 -14.12 12.46
N ILE B 143 5.37 -13.12 12.85
CA ILE B 143 6.82 -13.12 12.75
C ILE B 143 7.31 -11.91 13.52
N LEU B 144 8.49 -12.00 14.13
CA LEU B 144 9.07 -10.88 14.84
C LEU B 144 9.17 -9.65 13.92
N VAL B 145 8.85 -8.49 14.47
CA VAL B 145 8.61 -7.29 13.69
C VAL B 145 9.26 -6.14 14.44
N TYR B 146 9.63 -5.07 13.72
CA TYR B 146 10.28 -3.92 14.37
C TYR B 146 9.48 -3.45 15.57
N ALA B 147 8.16 -3.32 15.42
CA ALA B 147 7.32 -2.92 16.54
C ALA B 147 7.39 -3.91 17.72
N ASP B 148 7.86 -5.14 17.51
CA ASP B 148 8.05 -6.06 18.64
C ASP B 148 9.42 -5.84 19.28
N CYS B 149 10.49 -6.07 18.54
CA CYS B 149 11.80 -6.24 19.14
C CYS B 149 12.52 -4.92 19.39
N VAL B 150 11.89 -3.80 19.03
CA VAL B 150 12.43 -2.48 19.36
C VAL B 150 11.36 -1.74 20.13
N LEU B 151 10.23 -1.48 19.48
CA LEU B 151 9.23 -0.56 20.03
C LEU B 151 8.65 -1.05 21.35
N ALA B 152 8.46 -2.38 21.51
CA ALA B 152 7.94 -2.97 22.75
C ALA B 152 9.01 -3.71 23.56
N ASN B 153 10.28 -3.55 23.26
CA ASN B 153 11.30 -4.41 23.83
C ASN B 153 12.29 -3.64 24.68
N TRP B 154 11.80 -2.78 25.56
CA TRP B 154 12.74 -1.95 26.31
C TRP B 154 12.20 -1.68 27.71
N LYS B 155 13.10 -1.22 28.57
CA LYS B 155 12.76 -0.90 29.95
C LYS B 155 13.77 0.11 30.46
N LYS B 156 13.34 0.97 31.37
CA LYS B 156 14.27 1.81 32.12
C LYS B 156 14.87 1.00 33.25
N LYS B 157 16.14 1.26 33.56
CA LYS B 157 16.70 0.72 34.80
C LYS B 157 16.13 1.47 36.00
N ASP B 158 16.29 2.80 36.01
CA ASP B 158 15.75 3.67 37.05
C ASP B 158 14.58 4.46 36.47
N PRO B 159 13.35 4.30 37.00
CA PRO B 159 12.20 5.03 36.43
C PRO B 159 12.26 6.54 36.63
N ASN B 160 13.00 7.04 37.62
CA ASN B 160 13.04 8.48 37.86
C ASN B 160 14.21 9.17 37.17
N LYS B 161 14.99 8.44 36.38
CA LYS B 161 16.06 8.96 35.54
C LYS B 161 15.65 8.95 34.05
N PRO B 162 16.39 9.67 33.17
CA PRO B 162 15.88 9.89 31.81
C PRO B 162 16.19 8.77 30.81
N LEU B 163 15.67 8.88 29.58
CA LEU B 163 15.81 7.85 28.55
C LEU B 163 17.14 8.01 27.82
N THR B 164 18.23 7.63 28.50
CA THR B 164 19.54 7.55 27.89
C THR B 164 19.96 6.09 27.86
N TYR B 165 20.99 5.79 27.04
CA TYR B 165 21.41 4.41 26.88
C TYR B 165 21.78 3.79 28.23
N GLU B 166 22.57 4.53 29.01
CA GLU B 166 23.07 4.01 30.28
C GLU B 166 21.94 3.62 31.22
N ASN B 167 20.84 4.36 31.20
CA ASN B 167 19.70 4.07 32.06
C ASN B 167 18.69 3.11 31.42
N MET B 168 19.09 2.38 30.40
CA MET B 168 18.13 1.54 29.70
C MET B 168 18.66 0.13 29.46
N ASP B 169 17.71 -0.74 29.12
CA ASP B 169 18.01 -2.14 28.87
C ASP B 169 16.88 -2.73 28.03
N VAL B 170 17.20 -3.80 27.31
CA VAL B 170 16.23 -4.50 26.50
C VAL B 170 15.54 -5.56 27.36
N LEU B 171 14.40 -6.09 26.89
CA LEU B 171 13.77 -7.16 27.66
C LEU B 171 14.29 -8.54 27.28
N PHE B 172 14.63 -8.76 26.00
CA PHE B 172 15.03 -10.08 25.55
C PHE B 172 16.23 -9.99 24.62
N SER B 173 17.02 -11.07 24.60
CA SER B 173 18.13 -11.27 23.67
C SER B 173 18.05 -12.68 23.13
N PHE B 174 18.88 -12.94 22.11
CA PHE B 174 18.93 -14.26 21.48
C PHE B 174 20.09 -15.12 21.97
N ARG B 175 21.29 -14.56 22.04
CA ARG B 175 22.50 -15.29 22.36
C ARG B 175 23.45 -14.32 23.05
N ASP B 176 24.35 -14.87 23.84
CA ASP B 176 25.31 -14.01 24.51
C ASP B 176 26.23 -13.41 23.47
N GLY B 177 26.50 -12.10 23.62
CA GLY B 177 27.32 -11.41 22.64
C GLY B 177 26.65 -11.05 21.32
N ASP B 178 25.34 -11.32 21.15
CA ASP B 178 24.66 -10.99 19.90
C ASP B 178 24.47 -9.48 19.69
N CYS B 179 24.89 -8.65 20.66
CA CYS B 179 24.74 -7.21 20.61
C CYS B 179 23.29 -6.75 20.45
N SER B 180 22.31 -7.57 20.84
CA SER B 180 20.93 -7.18 20.63
C SER B 180 20.57 -5.94 21.45
N LYS B 181 21.10 -5.83 22.67
CA LYS B 181 20.81 -4.63 23.46
C LYS B 181 21.24 -3.37 22.71
N GLY B 182 22.50 -3.33 22.27
CA GLY B 182 23.00 -2.14 21.58
C GLY B 182 22.21 -1.81 20.32
N PHE B 183 21.95 -2.82 19.48
CA PHE B 183 21.28 -2.56 18.22
C PHE B 183 19.81 -2.18 18.43
N PHE B 184 19.11 -2.86 19.35
CA PHE B 184 17.71 -2.54 19.61
C PHE B 184 17.54 -1.19 20.31
N LEU B 185 18.46 -0.87 21.22
CA LEU B 185 18.30 0.37 21.97
C LEU B 185 18.75 1.58 21.16
N VAL B 186 19.81 1.45 20.35
CA VAL B 186 20.19 2.59 19.52
C VAL B 186 19.09 2.86 18.48
N SER B 187 18.52 1.81 17.89
CA SER B 187 17.34 2.00 17.05
C SER B 187 16.21 2.66 17.82
N LEU B 188 16.01 2.27 19.08
CA LEU B 188 14.94 2.87 19.87
C LEU B 188 15.23 4.33 20.18
N LEU B 189 16.48 4.66 20.51
CA LEU B 189 16.81 6.03 20.86
C LEU B 189 16.63 6.98 19.67
N VAL B 190 17.01 6.52 18.47
CA VAL B 190 16.80 7.30 17.25
C VAL B 190 15.31 7.49 17.01
N GLU B 191 14.56 6.40 17.13
CA GLU B 191 13.09 6.46 17.07
C GLU B 191 12.56 7.52 18.04
N ILE B 192 13.05 7.53 19.28
CA ILE B 192 12.54 8.45 20.29
C ILE B 192 12.97 9.88 20.00
N ALA B 193 14.19 10.07 19.51
CA ALA B 193 14.61 11.41 19.13
C ALA B 193 13.70 12.00 18.06
N ALA B 194 13.19 11.16 17.16
CA ALA B 194 12.32 11.64 16.10
C ALA B 194 10.92 11.95 16.61
N ALA B 195 10.56 11.47 17.79
CA ALA B 195 9.26 11.80 18.39
C ALA B 195 9.07 13.29 18.61
N SER B 196 10.14 14.02 18.89
CA SER B 196 9.98 15.44 19.18
C SER B 196 9.51 16.19 17.95
N ALA B 197 10.01 15.80 16.77
CA ALA B 197 9.50 16.34 15.52
C ALA B 197 8.02 15.97 15.29
N ILE B 198 7.55 14.85 15.84
CA ILE B 198 6.20 14.37 15.48
C ILE B 198 5.12 15.29 16.03
N LYS B 199 5.24 15.71 17.29
CA LYS B 199 4.22 16.59 17.87
C LYS B 199 4.11 17.94 17.17
N VAL B 200 5.14 18.34 16.40
CA VAL B 200 5.06 19.57 15.61
C VAL B 200 4.18 19.43 14.35
N ILE B 201 4.03 18.21 13.82
CA ILE B 201 3.26 18.00 12.59
C ILE B 201 1.87 18.64 12.63
N PRO B 202 1.07 18.46 13.68
CA PRO B 202 -0.22 19.18 13.71
C PRO B 202 -0.08 20.67 13.45
N THR B 203 0.92 21.35 14.06
CA THR B 203 0.99 22.80 13.88
C THR B 203 1.51 23.19 12.50
N VAL B 204 2.19 22.28 11.80
CA VAL B 204 2.50 22.52 10.39
C VAL B 204 1.23 22.61 9.56
N PHE B 205 0.30 21.68 9.78
CA PHE B 205 -0.93 21.69 9.00
C PHE B 205 -1.89 22.80 9.44
N LYS B 206 -1.89 23.16 10.72
CA LYS B 206 -2.71 24.29 11.12
C LYS B 206 -2.20 25.59 10.50
N ALA B 207 -0.87 25.79 10.49
CA ALA B 207 -0.31 27.02 9.90
C ALA B 207 -0.65 27.12 8.41
N MET B 208 -0.59 26.01 7.67
CA MET B 208 -0.93 26.07 6.25
C MET B 208 -2.38 26.49 6.03
N GLN B 209 -3.29 25.97 6.84
CA GLN B 209 -4.72 26.21 6.66
C GLN B 209 -5.13 27.62 7.06
N MET B 210 -4.49 28.18 8.09
CA MET B 210 -4.79 29.52 8.56
C MET B 210 -3.79 30.53 8.04
N GLN B 211 -2.90 30.11 7.16
CA GLN B 211 -2.00 30.99 6.44
C GLN B 211 -1.18 31.84 7.43
N GLU B 212 -0.47 31.14 8.30
CA GLU B 212 0.38 31.71 9.33
C GLU B 212 1.84 31.43 8.96
N ARG B 213 2.38 32.26 8.07
CA ARG B 213 3.71 32.01 7.51
C ARG B 213 4.77 31.91 8.61
N ASP B 214 4.66 32.73 9.65
CA ASP B 214 5.68 32.71 10.69
C ASP B 214 5.59 31.44 11.53
N THR B 215 4.37 31.02 11.89
CA THR B 215 4.22 29.78 12.63
C THR B 215 4.75 28.60 11.82
N LEU B 216 4.51 28.62 10.51
CA LEU B 216 4.91 27.47 9.70
C LEU B 216 6.42 27.38 9.61
N LEU B 217 7.08 28.51 9.39
CA LEU B 217 8.53 28.55 9.36
C LEU B 217 9.12 27.99 10.65
N LYS B 218 8.60 28.45 11.78
CA LYS B 218 9.08 27.99 13.08
C LYS B 218 8.95 26.48 13.20
N ALA B 219 7.76 25.95 12.89
CA ALA B 219 7.53 24.51 12.95
C ALA B 219 8.52 23.73 12.08
N LEU B 220 8.84 24.24 10.88
CA LEU B 220 9.71 23.48 9.98
C LEU B 220 11.16 23.53 10.43
N LEU B 221 11.62 24.70 10.90
CA LEU B 221 12.93 24.74 11.53
C LEU B 221 13.00 23.82 12.76
N GLU B 222 11.91 23.72 13.51
CA GLU B 222 11.88 22.85 14.69
C GLU B 222 12.03 21.38 14.28
N ILE B 223 11.29 20.97 13.25
CA ILE B 223 11.38 19.60 12.76
C ILE B 223 12.82 19.31 12.32
N ALA B 224 13.42 20.24 11.56
CA ALA B 224 14.78 20.03 11.09
C ALA B 224 15.75 19.91 12.25
N SER B 225 15.54 20.67 13.31
CA SER B 225 16.40 20.56 14.48
C SER B 225 16.32 19.16 15.07
N CYS B 226 15.10 18.63 15.23
CA CYS B 226 14.92 17.32 15.83
C CYS B 226 15.54 16.21 14.98
N LEU B 227 15.41 16.29 13.65
CA LEU B 227 16.02 15.27 12.80
C LEU B 227 17.55 15.38 12.81
N GLU B 228 18.07 16.58 13.06
CA GLU B 228 19.52 16.73 13.20
C GLU B 228 20.02 16.09 14.50
N LYS B 229 19.22 16.19 15.58
CA LYS B 229 19.57 15.54 16.85
C LYS B 229 19.51 14.01 16.73
N ALA B 230 18.50 13.49 16.05
CA ALA B 230 18.44 12.06 15.78
C ALA B 230 19.73 11.56 15.14
N LEU B 231 20.40 12.40 14.35
CA LEU B 231 21.64 12.00 13.70
C LEU B 231 22.76 11.78 14.71
N GLN B 232 22.91 12.71 15.67
CA GLN B 232 23.93 12.54 16.72
C GLN B 232 23.75 11.23 17.46
N VAL B 233 22.52 10.96 17.92
CA VAL B 233 22.09 9.71 18.52
C VAL B 233 22.56 8.49 17.75
N PHE B 234 22.44 8.54 16.43
CA PHE B 234 22.90 7.45 15.57
C PHE B 234 24.35 7.07 15.81
N HIS B 235 25.19 8.05 16.19
CA HIS B 235 26.62 7.80 16.38
C HIS B 235 26.87 6.65 17.36
N GLN B 236 26.02 6.54 18.39
CA GLN B 236 26.22 5.56 19.45
C GLN B 236 26.31 4.13 18.94
N ILE B 237 25.76 3.85 17.76
CA ILE B 237 25.76 2.48 17.24
C ILE B 237 27.15 1.86 17.27
N HIS B 238 28.19 2.68 17.06
CA HIS B 238 29.58 2.19 17.05
C HIS B 238 30.04 1.74 18.42
N ASP B 239 29.53 2.36 19.49
CA ASP B 239 29.94 2.01 20.85
C ASP B 239 29.41 0.65 21.27
N HIS B 240 28.17 0.32 20.91
CA HIS B 240 27.47 -0.80 21.51
C HIS B 240 27.23 -1.98 20.56
N VAL B 241 27.59 -1.88 19.28
CA VAL B 241 27.38 -2.98 18.34
C VAL B 241 28.69 -3.26 17.62
N ASN B 242 29.02 -4.52 17.51
CA ASN B 242 30.25 -4.96 16.89
C ASN B 242 29.92 -5.64 15.56
N PRO B 243 30.67 -5.34 14.49
CA PRO B 243 30.25 -5.82 13.15
C PRO B 243 30.20 -7.34 13.00
N LYS B 244 31.21 -8.08 13.46
CA LYS B 244 31.16 -9.53 13.38
C LYS B 244 29.96 -10.09 14.14
N ALA B 245 29.72 -9.59 15.36
CA ALA B 245 28.60 -10.08 16.15
C ALA B 245 27.27 -9.79 15.46
N PHE B 246 27.09 -8.57 14.96
CA PHE B 246 25.85 -8.26 14.26
C PHE B 246 25.70 -9.11 13.00
N PHE B 247 26.73 -9.11 12.14
CA PHE B 247 26.58 -9.75 10.83
C PHE B 247 26.46 -11.26 10.95
N SER B 248 27.29 -11.88 11.79
CA SER B 248 27.28 -13.33 11.84
C SER B 248 26.28 -13.91 12.85
N VAL B 249 25.80 -13.12 13.82
CA VAL B 249 24.86 -13.67 14.81
C VAL B 249 23.50 -12.97 14.80
N LEU B 250 23.44 -11.71 15.23
CA LEU B 250 22.14 -11.06 15.42
C LEU B 250 21.30 -11.09 14.14
N ARG B 251 21.92 -10.80 13.00
CA ARG B 251 21.22 -10.73 11.72
C ARG B 251 20.61 -12.07 11.32
N ILE B 252 21.26 -13.18 11.67
CA ILE B 252 20.74 -14.51 11.40
C ILE B 252 19.42 -14.72 12.13
N TYR B 253 19.32 -14.22 13.37
CA TYR B 253 18.11 -14.44 14.18
C TYR B 253 16.98 -13.50 13.79
N LEU B 254 17.30 -12.32 13.25
CA LEU B 254 16.25 -11.39 12.81
C LEU B 254 15.67 -11.76 11.45
N SER B 255 16.23 -12.76 10.77
CA SER B 255 15.83 -13.01 9.39
C SER B 255 14.45 -13.67 9.30
N GLY B 256 13.78 -13.41 8.18
CA GLY B 256 12.47 -13.95 7.91
C GLY B 256 12.50 -15.05 6.87
N TRP B 257 11.33 -15.28 6.26
CA TRP B 257 11.18 -16.37 5.29
C TRP B 257 10.25 -15.89 4.18
N LYS B 258 10.77 -14.97 3.37
CA LYS B 258 10.09 -14.45 2.19
C LYS B 258 11.17 -14.25 1.14
N GLY B 259 11.12 -15.02 0.06
CA GLY B 259 12.27 -15.11 -0.82
C GLY B 259 13.55 -15.50 -0.11
N ASN B 260 13.46 -16.35 0.91
CA ASN B 260 14.65 -16.82 1.63
C ASN B 260 15.02 -18.21 1.16
N PRO B 261 16.21 -18.39 0.56
CA PRO B 261 16.57 -19.71 0.03
C PRO B 261 16.51 -20.84 1.06
N GLN B 262 16.79 -20.60 2.35
CA GLN B 262 16.76 -21.75 3.23
C GLN B 262 15.36 -22.10 3.73
N LEU B 263 14.33 -21.34 3.32
CA LEU B 263 12.91 -21.65 3.52
C LEU B 263 12.19 -21.09 2.29
N SER B 264 12.37 -21.78 1.16
CA SER B 264 11.94 -21.23 -0.12
C SER B 264 10.41 -21.04 -0.17
N ASP B 265 9.66 -21.81 0.60
CA ASP B 265 8.20 -21.76 0.53
C ASP B 265 7.59 -21.17 1.80
N GLY B 266 8.41 -20.62 2.68
CA GLY B 266 7.90 -20.11 3.94
C GLY B 266 7.89 -21.15 5.03
N LEU B 267 7.28 -20.76 6.15
CA LEU B 267 7.20 -21.57 7.35
C LEU B 267 5.79 -22.13 7.46
N VAL B 268 5.70 -23.37 7.98
CA VAL B 268 4.43 -24.02 8.21
C VAL B 268 3.94 -23.62 9.60
N TYR B 269 2.80 -22.96 9.66
CA TYR B 269 2.17 -22.67 10.95
C TYR B 269 1.19 -23.82 11.24
N GLU B 270 1.75 -24.89 11.82
CA GLU B 270 1.01 -26.12 12.05
C GLU B 270 -0.27 -25.84 12.83
N GLY B 271 -1.37 -26.42 12.38
CA GLY B 271 -2.61 -26.26 13.08
C GLY B 271 -3.26 -24.91 12.93
N PHE B 272 -2.82 -24.11 11.97
CA PHE B 272 -3.44 -22.82 11.69
C PHE B 272 -3.55 -22.59 10.19
N TRP B 273 -2.50 -22.89 9.45
CA TRP B 273 -2.56 -22.78 7.99
C TRP B 273 -2.24 -24.10 7.36
N GLU B 274 -3.05 -24.45 6.37
CA GLU B 274 -2.80 -25.62 5.55
C GLU B 274 -1.36 -25.64 5.06
N ASP B 275 -0.96 -24.61 4.33
CA ASP B 275 0.29 -24.56 3.59
C ASP B 275 1.30 -23.62 4.26
N PRO B 276 2.58 -23.70 3.88
CA PRO B 276 3.57 -22.78 4.45
C PRO B 276 3.37 -21.38 3.93
N LYS B 277 3.62 -20.40 4.81
CA LYS B 277 3.40 -19.00 4.50
C LYS B 277 4.71 -18.22 4.56
N GLU B 278 4.89 -17.30 3.62
CA GLU B 278 6.05 -16.40 3.60
C GLU B 278 5.75 -15.08 4.29
N PHE B 279 6.69 -14.61 5.10
CA PHE B 279 6.61 -13.32 5.78
C PHE B 279 8.01 -12.76 5.92
N ALA B 280 8.16 -11.47 5.65
CA ALA B 280 9.46 -10.81 5.68
C ALA B 280 9.97 -10.68 7.11
N GLY B 281 11.30 -10.62 7.26
CA GLY B 281 11.90 -10.39 8.55
C GLY B 281 11.94 -8.92 8.94
N GLY B 282 12.30 -8.67 10.20
CA GLY B 282 12.28 -7.31 10.71
C GLY B 282 13.18 -6.38 9.91
N SER B 283 12.78 -5.12 9.88
CA SER B 283 13.46 -4.09 9.09
C SER B 283 13.06 -2.73 9.63
N ALA B 284 14.04 -1.84 9.76
CA ALA B 284 13.72 -0.46 10.08
C ALA B 284 12.86 0.19 8.99
N GLY B 285 12.82 -0.42 7.80
CA GLY B 285 11.77 -0.14 6.85
C GLY B 285 10.39 -0.20 7.46
N GLN B 286 10.25 -0.86 8.61
CA GLN B 286 8.99 -0.96 9.30
C GLN B 286 8.82 0.13 10.35
N SER B 287 9.85 0.94 10.55
CA SER B 287 9.71 2.10 11.41
C SER B 287 8.78 3.10 10.73
N SER B 288 7.70 3.44 11.42
CA SER B 288 6.82 4.48 10.93
C SER B 288 7.51 5.82 10.86
N VAL B 289 8.57 6.02 11.66
CA VAL B 289 9.01 7.37 11.92
C VAL B 289 9.71 7.96 10.69
N PHE B 290 10.48 7.15 9.96
CA PHE B 290 11.11 7.66 8.75
C PHE B 290 10.13 7.75 7.61
N GLN B 291 9.28 6.74 7.44
CA GLN B 291 8.21 6.86 6.46
C GLN B 291 7.35 8.10 6.72
N CYS B 292 7.14 8.40 8.00
CA CYS B 292 6.28 9.52 8.37
C CYS B 292 6.76 10.84 7.77
N PHE B 293 8.08 11.09 7.76
CA PHE B 293 8.59 12.39 7.32
C PHE B 293 8.75 12.49 5.81
N ASP B 294 9.07 11.38 5.13
CA ASP B 294 8.89 11.33 3.69
C ASP B 294 7.47 11.78 3.32
N VAL B 295 6.45 11.26 4.00
CA VAL B 295 5.09 11.65 3.66
C VAL B 295 4.91 13.14 3.91
N LEU B 296 5.15 13.58 5.16
CA LEU B 296 4.96 14.99 5.51
C LEU B 296 5.58 15.93 4.48
N LEU B 297 6.81 15.67 4.05
CA LEU B 297 7.51 16.56 3.14
C LEU B 297 7.22 16.32 1.67
N GLY B 298 6.35 15.35 1.33
CA GLY B 298 6.05 15.08 -0.07
C GLY B 298 7.17 14.43 -0.85
N ILE B 299 8.01 13.66 -0.18
CA ILE B 299 9.06 12.85 -0.79
C ILE B 299 8.44 11.54 -1.22
N GLN B 300 8.16 11.38 -2.50
CA GLN B 300 7.29 10.29 -2.93
C GLN B 300 8.12 9.00 -3.00
N GLN B 301 8.39 8.46 -1.79
CA GLN B 301 9.21 7.26 -1.67
C GLN B 301 8.45 6.03 -2.15
N THR B 302 7.15 5.98 -1.87
CA THR B 302 6.29 4.88 -2.30
C THR B 302 5.75 5.10 -3.72
N ALA B 303 6.25 6.12 -4.43
CA ALA B 303 5.83 6.42 -5.80
C ALA B 303 6.67 5.66 -6.81
N GLY B 304 6.01 5.24 -7.88
CA GLY B 304 6.62 4.45 -8.92
C GLY B 304 6.30 2.98 -8.74
N GLY B 305 6.94 2.18 -9.59
CA GLY B 305 6.80 0.74 -9.50
C GLY B 305 8.12 0.10 -9.16
N GLY B 306 9.06 0.92 -8.69
CA GLY B 306 10.38 0.43 -8.35
C GLY B 306 10.35 -0.59 -7.23
N HIS B 307 11.50 -1.26 -7.05
CA HIS B 307 11.67 -2.15 -5.91
C HIS B 307 11.55 -1.39 -4.60
N ALA B 308 12.28 -0.28 -4.49
CA ALA B 308 12.30 0.51 -3.26
C ALA B 308 10.89 0.94 -2.85
N ALA B 309 10.14 1.49 -3.78
CA ALA B 309 8.78 1.93 -3.50
C ALA B 309 7.92 0.77 -3.05
N GLN B 310 8.13 -0.40 -3.68
CA GLN B 310 7.32 -1.56 -3.35
C GLN B 310 7.67 -2.09 -1.96
N PHE B 311 8.97 -2.17 -1.66
CA PHE B 311 9.38 -2.60 -0.33
C PHE B 311 8.78 -1.72 0.77
N LEU B 312 8.94 -0.39 0.64
CA LEU B 312 8.46 0.50 1.70
C LEU B 312 6.94 0.44 1.85
N GLN B 313 6.21 0.31 0.74
CA GLN B 313 4.76 0.11 0.83
C GLN B 313 4.43 -1.19 1.55
N ASP B 314 5.09 -2.29 1.16
CA ASP B 314 4.81 -3.58 1.79
C ASP B 314 5.11 -3.55 3.28
N MET B 315 6.18 -2.85 3.69
CA MET B 315 6.53 -2.82 5.10
C MET B 315 5.48 -2.14 5.97
N ARG B 316 4.61 -1.30 5.39
CA ARG B 316 3.52 -0.75 6.20
C ARG B 316 2.65 -1.85 6.78
N ARG B 317 2.50 -2.98 6.07
CA ARG B 317 1.68 -4.07 6.57
C ARG B 317 2.26 -4.70 7.83
N TYR B 318 3.55 -4.48 8.10
CA TYR B 318 4.21 -4.98 9.30
C TYR B 318 4.21 -3.96 10.43
N MET B 319 3.52 -2.79 10.23
CA MET B 319 3.39 -1.80 11.30
C MET B 319 2.10 -2.02 12.07
N PRO B 320 2.07 -1.63 13.34
CA PRO B 320 0.78 -1.63 14.08
C PRO B 320 -0.26 -0.82 13.33
N PRO B 321 -1.52 -1.27 13.34
CA PRO B 321 -2.53 -0.59 12.49
C PRO B 321 -2.77 0.87 12.84
N ALA B 322 -2.67 1.24 14.13
CA ALA B 322 -2.77 2.65 14.52
C ALA B 322 -1.77 3.50 13.76
N HIS B 323 -0.56 2.98 13.55
CA HIS B 323 0.51 3.71 12.89
C HIS B 323 0.35 3.68 11.37
N ARG B 324 -0.14 2.57 10.83
CA ARG B 324 -0.60 2.55 9.45
C ARG B 324 -1.67 3.61 9.23
N ASN B 325 -2.69 3.64 10.10
CA ASN B 325 -3.74 4.64 9.94
C ASN B 325 -3.16 6.05 9.96
N PHE B 326 -2.14 6.27 10.80
CA PHE B 326 -1.54 7.59 10.94
C PHE B 326 -0.86 8.02 9.63
N LEU B 327 -0.06 7.15 9.02
CA LEU B 327 0.57 7.47 7.73
C LEU B 327 -0.47 7.81 6.68
N CYS B 328 -1.52 7.01 6.61
CA CYS B 328 -2.59 7.24 5.66
C CYS B 328 -3.20 8.63 5.83
N SER B 329 -3.42 9.07 7.07
CA SER B 329 -4.05 10.38 7.20
C SER B 329 -3.06 11.52 6.92
N LEU B 330 -1.77 11.36 7.22
CA LEU B 330 -0.78 12.32 6.71
C LEU B 330 -0.90 12.44 5.19
N GLU B 331 -0.94 11.30 4.47
CA GLU B 331 -1.03 11.34 3.01
C GLU B 331 -2.27 12.09 2.52
N SER B 332 -3.34 12.13 3.31
CA SER B 332 -4.62 12.72 2.92
C SER B 332 -4.73 14.18 3.31
N ASN B 333 -3.60 14.84 3.52
CA ASN B 333 -3.51 16.23 3.88
C ASN B 333 -2.96 17.00 2.70
N PRO B 334 -3.19 18.30 2.66
CA PRO B 334 -2.57 19.11 1.61
C PRO B 334 -1.05 19.09 1.73
N SER B 335 -0.39 19.07 0.57
CA SER B 335 1.06 18.95 0.48
C SER B 335 1.75 20.18 1.07
N VAL B 336 2.63 19.94 2.05
CA VAL B 336 3.48 21.00 2.58
C VAL B 336 4.40 21.52 1.49
N ARG B 337 4.92 20.62 0.67
CA ARG B 337 5.87 21.02 -0.36
C ARG B 337 5.21 21.92 -1.40
N GLU B 338 3.95 21.66 -1.73
CA GLU B 338 3.24 22.51 -2.68
C GLU B 338 3.00 23.89 -2.10
N PHE B 339 2.53 23.93 -0.85
CA PHE B 339 2.31 25.19 -0.16
C PHE B 339 3.58 26.05 -0.17
N VAL B 340 4.74 25.45 0.17
CA VAL B 340 5.99 26.20 0.23
C VAL B 340 6.40 26.66 -1.16
N LEU B 341 6.30 25.79 -2.16
CA LEU B 341 6.75 26.15 -3.50
C LEU B 341 5.95 27.27 -4.11
N SER B 342 4.73 27.49 -3.64
CA SER B 342 3.85 28.47 -4.28
C SER B 342 3.95 29.87 -3.68
N LYS B 343 4.81 30.09 -2.69
CA LYS B 343 4.79 31.34 -1.92
C LYS B 343 5.90 32.32 -2.30
N GLY B 344 6.94 31.88 -3.02
CA GLY B 344 8.02 32.78 -3.40
C GLY B 344 8.70 33.39 -2.19
N ASP B 345 9.10 32.52 -1.25
CA ASP B 345 9.43 32.88 0.13
C ASP B 345 10.69 32.10 0.51
N ALA B 346 11.86 32.73 0.36
CA ALA B 346 13.12 32.03 0.61
C ALA B 346 13.22 31.52 2.04
N GLY B 347 12.68 32.27 3.00
CA GLY B 347 12.67 31.81 4.38
C GLY B 347 12.03 30.43 4.52
N LEU B 348 10.79 30.29 4.03
CA LEU B 348 10.09 29.00 4.10
C LEU B 348 10.80 27.93 3.29
N ARG B 349 11.35 28.27 2.12
CA ARG B 349 12.03 27.28 1.32
C ARG B 349 13.26 26.73 2.04
N GLU B 350 14.00 27.59 2.74
CA GLU B 350 15.21 27.11 3.39
C GLU B 350 14.88 26.27 4.62
N ALA B 351 13.76 26.57 5.30
CA ALA B 351 13.35 25.75 6.41
C ALA B 351 12.87 24.39 5.93
N TYR B 352 12.10 24.38 4.82
CA TYR B 352 11.71 23.11 4.22
C TYR B 352 12.93 22.31 3.80
N ASP B 353 13.90 22.96 3.15
CA ASP B 353 15.12 22.29 2.72
C ASP B 353 15.94 21.80 3.91
N ALA B 354 15.87 22.49 5.05
CA ALA B 354 16.61 22.02 6.22
C ALA B 354 16.09 20.64 6.65
N CYS B 355 14.78 20.41 6.51
CA CYS B 355 14.19 19.11 6.84
C CYS B 355 14.68 18.03 5.88
N VAL B 356 14.56 18.28 4.57
CA VAL B 356 15.06 17.36 3.54
C VAL B 356 16.52 17.03 3.80
N LYS B 357 17.33 18.07 4.01
CA LYS B 357 18.77 17.88 4.25
C LYS B 357 19.02 16.95 5.43
N ALA B 358 18.26 17.11 6.51
CA ALA B 358 18.46 16.24 7.67
C ALA B 358 18.17 14.78 7.33
N LEU B 359 17.06 14.52 6.64
CA LEU B 359 16.78 13.18 6.14
C LEU B 359 17.91 12.67 5.25
N VAL B 360 18.40 13.48 4.29
CA VAL B 360 19.54 13.05 3.49
C VAL B 360 20.74 12.72 4.38
N SER B 361 21.03 13.57 5.36
CA SER B 361 22.14 13.33 6.28
C SER B 361 22.00 11.99 6.99
N LEU B 362 20.80 11.68 7.49
CA LEU B 362 20.61 10.41 8.19
C LEU B 362 20.82 9.22 7.26
N ARG B 363 20.23 9.26 6.07
CA ARG B 363 20.40 8.18 5.13
C ARG B 363 21.85 8.04 4.68
N SER B 364 22.59 9.15 4.60
CA SER B 364 23.99 9.10 4.21
C SER B 364 24.85 8.52 5.32
N TYR B 365 24.62 8.96 6.56
CA TYR B 365 25.30 8.32 7.68
C TYR B 365 24.95 6.84 7.74
N HIS B 366 23.69 6.53 7.46
CA HIS B 366 23.18 5.17 7.55
C HIS B 366 23.80 4.26 6.50
N LEU B 367 24.15 4.79 5.33
CA LEU B 367 24.86 3.97 4.35
C LEU B 367 26.26 3.64 4.82
N GLN B 368 26.89 4.53 5.59
CA GLN B 368 28.21 4.21 6.13
C GLN B 368 28.13 3.07 7.13
N ILE B 369 27.08 3.04 7.94
CA ILE B 369 26.94 1.99 8.93
C ILE B 369 26.78 0.65 8.25
N VAL B 370 26.02 0.61 7.14
CA VAL B 370 25.85 -0.67 6.46
C VAL B 370 27.16 -1.15 5.83
N THR B 371 28.00 -0.22 5.38
CA THR B 371 29.31 -0.60 4.86
C THR B 371 30.13 -1.27 5.95
N LYS B 372 30.15 -0.68 7.15
CA LYS B 372 30.92 -1.22 8.27
C LYS B 372 30.31 -2.48 8.87
N TYR B 373 28.97 -2.61 8.87
CA TYR B 373 28.30 -3.69 9.59
C TYR B 373 27.72 -4.78 8.70
N ILE B 374 27.67 -4.59 7.38
CA ILE B 374 27.25 -5.69 6.52
C ILE B 374 28.26 -5.93 5.40
N LEU B 375 28.64 -4.87 4.68
CA LEU B 375 29.49 -5.07 3.50
C LEU B 375 30.86 -5.61 3.87
N ILE B 376 31.55 -4.97 4.79
CA ILE B 376 32.90 -5.38 5.17
C ILE B 376 32.89 -6.73 5.89
N PRO B 377 32.00 -6.98 6.88
CA PRO B 377 31.94 -8.35 7.44
C PRO B 377 31.63 -9.43 6.42
N ALA B 378 30.77 -9.15 5.44
CA ALA B 378 30.44 -10.14 4.42
C ALA B 378 31.64 -10.47 3.52
N SER B 379 32.55 -9.53 3.31
CA SER B 379 33.73 -9.81 2.49
C SER B 379 34.74 -10.67 3.21
N GLN B 380 34.65 -10.75 4.54
CA GLN B 380 35.60 -11.47 5.39
C GLN B 380 35.17 -12.91 5.69
N GLN B 381 34.15 -13.44 5.02
CA GLN B 381 33.70 -14.81 5.30
C GLN B 381 34.65 -15.88 4.74
N GLY B 400 25.80 -9.73 -5.72
CA GLY B 400 25.84 -9.84 -4.27
C GLY B 400 24.93 -8.85 -3.55
N GLY B 401 25.35 -8.41 -2.36
CA GLY B 401 24.64 -7.40 -1.57
C GLY B 401 24.93 -5.97 -1.99
N THR B 402 25.23 -5.79 -3.28
CA THR B 402 25.19 -4.48 -3.96
C THR B 402 23.75 -4.06 -4.29
N ASP B 403 22.84 -5.02 -4.43
CA ASP B 403 21.41 -4.70 -4.43
C ASP B 403 21.01 -3.97 -3.16
N LEU B 404 21.65 -4.28 -2.04
CA LEU B 404 21.32 -3.68 -0.76
C LEU B 404 21.64 -2.18 -0.73
N MET B 405 22.85 -1.83 -1.17
CA MET B 405 23.24 -0.43 -1.22
C MET B 405 22.44 0.33 -2.26
N ASN B 406 22.01 -0.35 -3.33
CA ASN B 406 21.20 0.32 -4.35
C ASN B 406 19.82 0.68 -3.82
N PHE B 407 19.22 -0.18 -3.00
CA PHE B 407 17.96 0.19 -2.36
C PHE B 407 18.12 1.45 -1.52
N LEU B 408 19.14 1.48 -0.65
CA LEU B 408 19.33 2.64 0.21
C LEU B 408 19.72 3.88 -0.59
N LYS B 409 20.53 3.73 -1.63
CA LYS B 409 20.89 4.90 -2.43
C LYS B 409 19.72 5.40 -3.26
N THR B 410 18.81 4.49 -3.64
CA THR B 410 17.57 4.93 -4.28
C THR B 410 16.72 5.75 -3.32
N VAL B 411 16.61 5.30 -2.07
CA VAL B 411 15.85 6.06 -1.10
C VAL B 411 16.54 7.39 -0.85
N ARG B 412 17.87 7.37 -0.73
CA ARG B 412 18.56 8.62 -0.45
C ARG B 412 18.37 9.63 -1.57
N SER B 413 18.48 9.20 -2.82
CA SER B 413 18.48 10.21 -3.84
C SER B 413 17.07 10.73 -4.14
N THR B 414 16.03 9.92 -3.91
CA THR B 414 14.67 10.44 -3.96
C THR B 414 14.47 11.56 -2.94
N THR B 415 15.18 11.48 -1.80
CA THR B 415 15.17 12.58 -0.84
C THR B 415 15.96 13.77 -1.36
N GLU B 416 17.19 13.52 -1.85
CA GLU B 416 18.02 14.57 -2.45
C GLU B 416 17.22 15.38 -3.48
N LYS B 417 16.56 14.69 -4.41
CA LYS B 417 15.77 15.30 -5.47
C LYS B 417 14.61 16.14 -4.95
N SER B 418 14.24 16.02 -3.67
CA SER B 418 13.15 16.82 -3.12
C SER B 418 13.60 18.22 -2.68
N LEU B 419 14.88 18.52 -2.73
CA LEU B 419 15.36 19.85 -2.38
C LEU B 419 14.78 20.91 -3.30
N LEU B 420 14.30 22.01 -2.72
CA LEU B 420 13.61 23.04 -3.51
C LEU B 420 14.58 23.82 -4.38
N LYS B 421 15.64 24.37 -3.78
CA LYS B 421 16.61 25.18 -4.49
C LYS B 421 18.01 24.58 -4.31
CHA HEM C . -11.46 -8.71 -12.19
CHB HEM C . -12.37 -9.86 -16.87
CHC HEM C . -16.23 -6.85 -16.86
CHD HEM C . -15.31 -5.68 -12.18
C1A HEM C . -11.38 -9.32 -13.45
C2A HEM C . -10.43 -10.35 -13.87
C3A HEM C . -10.68 -10.66 -15.16
C4A HEM C . -11.80 -9.85 -15.62
CMA HEM C . -9.94 -11.70 -16.02
CAA HEM C . -9.32 -11.00 -12.98
CBA HEM C . -8.26 -10.00 -12.56
CGA HEM C . -7.41 -9.74 -13.78
O1A HEM C . -7.39 -8.55 -14.23
O2A HEM C . -6.78 -10.71 -14.29
C1B HEM C . -13.49 -9.15 -17.28
C2B HEM C . -14.09 -9.17 -18.61
C3B HEM C . -15.15 -8.35 -18.60
C4B HEM C . -15.27 -7.76 -17.28
CMB HEM C . -13.53 -10.04 -19.77
CAB HEM C . -16.14 -7.99 -19.73
CBB HEM C . -16.09 -8.51 -20.97
C1C HEM C . -16.23 -6.19 -15.64
C2C HEM C . -16.99 -4.99 -15.30
C3C HEM C . -16.76 -4.70 -14.01
C4C HEM C . -15.81 -5.66 -13.48
CMC HEM C . -17.93 -4.29 -16.29
CAC HEM C . -17.29 -3.51 -13.17
CBC HEM C . -17.48 -2.31 -13.75
C1D HEM C . -14.18 -6.38 -11.76
C2D HEM C . -13.52 -6.29 -10.46
C3D HEM C . -12.47 -7.12 -10.46
C4D HEM C . -12.40 -7.78 -11.75
CMD HEM C . -13.97 -5.38 -9.28
CAD HEM C . -11.50 -7.33 -9.27
CBD HEM C . -11.97 -8.52 -8.44
CGD HEM C . -13.29 -8.19 -7.76
O1D HEM C . -14.34 -8.82 -8.09
O2D HEM C . -13.30 -7.28 -6.89
NA HEM C . -12.19 -9.05 -14.54
NB HEM C . -14.25 -8.30 -16.51
NC HEM C . -15.52 -6.56 -14.51
ND HEM C . -13.47 -7.31 -12.52
FE HEM C . -13.90 -7.88 -14.59
C10 RCT D . -13.05 -5.54 -16.31
C14 RCT D . -9.02 -6.31 -19.20
C17 RCT D . -7.62 -8.70 -19.58
C1 RCT D . -9.80 -5.00 -19.01
C15 RCT D . -9.47 -7.49 -18.62
C16 RCT D . -8.78 -8.69 -18.81
C18 RCT D . -7.17 -7.51 -20.17
C19 RCT D . -7.87 -6.33 -19.98
C2 RCT D . -9.39 -4.09 -17.83
C3 RCT D . -10.54 -3.08 -17.67
C4 RCT D . -11.71 -3.44 -17.03
C5 RCT D . -12.75 -2.54 -16.92
C6 RCT D . -12.63 -1.26 -17.46
C7 RCT D . -11.46 -0.88 -18.11
C8 RCT D . -10.43 -1.80 -18.22
C9 RCT D . -11.88 -4.80 -16.38
N11 RCT D . -12.73 -6.64 -15.61
N12 RCT D . -11.42 -6.59 -15.21
N13 RCT D . -10.95 -5.44 -15.70
CL2 RCT D . -8.94 -1.29 -19.05
C1 GOL E . -3.63 -17.29 -2.63
O1 GOL E . -2.36 -17.09 -3.20
C2 GOL E . -4.44 -16.01 -2.95
O2 GOL E . -5.39 -16.21 -3.97
C3 GOL E . -5.03 -15.54 -1.60
O3 GOL E . -4.79 -14.15 -1.49
S SO4 F . 16.68 4.49 -14.18
O1 SO4 F . 16.28 3.98 -15.49
O2 SO4 F . 17.89 3.77 -13.78
O3 SO4 F . 16.96 5.93 -14.29
O4 SO4 F . 15.62 4.27 -13.19
CHA HEM G . 17.05 0.23 5.92
CHB HEM G . 20.89 -2.17 7.76
CHC HEM G . 20.99 0.65 11.68
CHD HEM G . 17.04 3.00 9.96
C1A HEM G . 18.12 -0.66 6.04
C2A HEM G . 18.63 -1.59 5.03
C3A HEM G . 19.67 -2.22 5.56
C4A HEM G . 19.88 -1.73 6.90
CMA HEM G . 20.51 -3.29 4.88
CAA HEM G . 18.10 -1.84 3.61
CBA HEM G . 16.66 -2.35 3.71
CGA HEM G . 16.68 -3.77 4.18
O1A HEM G . 16.08 -4.06 5.25
O2A HEM G . 17.32 -4.58 3.44
C1B HEM G . 21.26 -1.62 8.97
C2B HEM G . 22.37 -2.05 9.80
C3B HEM G . 22.40 -1.26 10.90
C4B HEM G . 21.31 -0.32 10.78
CMB HEM G . 23.29 -3.22 9.39
CAB HEM G . 23.35 -1.27 12.12
CBB HEM G . 24.31 -2.19 12.29
C1C HEM G . 19.84 1.41 11.60
C2C HEM G . 19.23 2.08 12.72
C3C HEM G . 18.13 2.73 12.30
C4C HEM G . 18.00 2.50 10.85
CMC HEM G . 19.78 2.01 14.16
CAC HEM G . 17.23 3.54 13.26
CBC HEM G . 15.91 3.64 13.04
C1D HEM G . 16.68 2.49 8.71
C2D HEM G . 15.53 2.88 7.87
C3D HEM G . 15.54 2.10 6.78
C4D HEM G . 16.68 1.20 6.85
CMD HEM G . 14.47 3.96 8.16
CAD HEM G . 14.53 2.16 5.62
CBD HEM G . 15.15 2.79 4.37
CGD HEM G . 14.96 4.26 4.56
O1D HEM G . 15.93 5.02 4.34
O2D HEM G . 13.85 4.67 4.97
NA HEM G . 18.92 -0.78 7.16
NB HEM G . 20.65 -0.57 9.60
NC HEM G . 19.07 1.69 10.48
ND HEM G . 17.34 1.47 8.05
FE HEM G . 19.10 0.44 8.75
C10 RCT H . 18.12 -1.48 10.84
C14 RCT H . 18.32 -6.32 9.85
C17 RCT H . 19.77 -7.45 7.72
C1 RCT H . 17.55 -5.73 11.04
C15 RCT H . 18.57 -7.70 9.80
C16 RCT H . 19.28 -8.27 8.73
C18 RCT H . 19.52 -6.08 7.78
C19 RCT H . 18.82 -5.52 8.84
C2 RCT H . 16.11 -5.19 10.90
C3 RCT H . 15.96 -4.32 12.15
C4 RCT H . 16.45 -3.03 12.16
C5 RCT H . 16.32 -2.25 13.31
C6 RCT H . 15.75 -2.78 14.47
C7 RCT H . 15.27 -4.08 14.48
C8 RCT H . 15.38 -4.83 13.33
C9 RCT H . 17.06 -2.38 10.90
N11 RCT H . 18.26 -1.14 9.54
N12 RCT H . 17.30 -1.77 8.80
N13 RCT H . 16.60 -2.50 9.68
CL2 RCT H . 14.73 -6.51 13.34
S SO4 I . 14.02 1.05 -7.93
O1 SO4 I . 15.13 1.69 -8.63
O2 SO4 I . 13.67 -0.17 -8.65
O3 SO4 I . 14.42 0.73 -6.56
O4 SO4 I . 12.89 1.97 -7.91
#